data_7N0L
#
_entry.id   7N0L
#
_cell.length_a   1.00
_cell.length_b   1.00
_cell.length_c   1.00
_cell.angle_alpha   90.00
_cell.angle_beta   90.00
_cell.angle_gamma   90.00
#
_symmetry.space_group_name_H-M   'P 1'
#
loop_
_entity.id
_entity.type
_entity.pdbx_description
1 polymer 'Ion channel TACAN'
2 non-polymer 'COENZYME A'
#
_entity_poly.entity_id   1
_entity_poly.type   'polypeptide(L)'
_entity_poly.pdbx_seq_one_letter_code
;MQSPPPDPLGDCLRNWEDLQQDFQGIQETHRLYRLKLEELTKLQANCTNSITRQKKRLQELALVLKKCRPSLPSESMEAA
QELENQMKERQGLFFDMEAYLPKKNGLYLSLVLGNVNVTLLSKQAKFAYKDEYEKFKLYLTIILIVISFTCRFLLNSRVT
DAAFNFLLVWYYCTLTIRESILINNGSRIKGWWVFAAYVSTFLSGVMLTWPDGLMYQKFRNQFLSFSMYQSFVQFLQYYY
QSGCLYRLRALGERHTMDLTVEGFQSWMWRGLTFLLPFLFFGHFWQLFNALTLFNLARDPECKEWQVLMCGFPFLLLFLG
NFFTTLRVVHQKFHSQQHGNKKD
;
_entity_poly.pdbx_strand_id   A,B
#
loop_
_chem_comp.id
_chem_comp.type
_chem_comp.name
_chem_comp.formula
COA non-polymer 'COENZYME A' 'C21 H36 N7 O16 P3 S'
#
# COMPACT_ATOMS: atom_id res chain seq x y z
N LEU A 9 45.50 15.65 -10.08
CA LEU A 9 46.80 16.20 -9.72
C LEU A 9 47.13 15.94 -8.25
N GLY A 10 48.14 16.64 -7.75
CA GLY A 10 48.54 16.51 -6.36
C GLY A 10 47.45 16.93 -5.39
N ASP A 11 46.99 18.17 -5.50
CA ASP A 11 45.93 18.65 -4.62
C ASP A 11 44.62 17.94 -4.89
N CYS A 12 44.42 17.43 -6.11
CA CYS A 12 43.22 16.66 -6.41
C CYS A 12 43.11 15.42 -5.52
N LEU A 13 44.23 14.87 -5.08
CA LEU A 13 44.22 13.81 -4.09
C LEU A 13 44.36 14.34 -2.67
N ARG A 14 44.88 15.57 -2.50
CA ARG A 14 44.94 16.16 -1.18
C ARG A 14 43.55 16.36 -0.58
N ASN A 15 42.60 16.80 -1.40
CA ASN A 15 41.22 16.88 -0.96
C ASN A 15 40.54 15.53 -0.93
N TRP A 16 41.09 14.55 -1.66
CA TRP A 16 40.55 13.19 -1.59
C TRP A 16 40.79 12.56 -0.23
N GLU A 17 41.91 12.90 0.41
CA GLU A 17 42.22 12.34 1.72
C GLU A 17 41.66 13.16 2.87
N ASP A 18 41.53 14.47 2.69
CA ASP A 18 40.87 15.30 3.70
C ASP A 18 39.38 14.99 3.80
N LEU A 19 38.82 14.32 2.80
CA LEU A 19 37.41 13.92 2.85
C LEU A 19 37.24 12.51 3.38
N GLN A 20 38.29 11.68 3.36
CA GLN A 20 38.25 10.35 3.95
C GLN A 20 38.98 10.31 5.29
N GLN A 21 39.43 11.45 5.81
CA GLN A 21 39.88 11.49 7.20
C GLN A 21 38.73 11.22 8.16
N ASP A 22 37.49 11.42 7.71
CA ASP A 22 36.32 11.07 8.48
C ASP A 22 35.57 9.87 7.94
N PHE A 23 35.93 9.39 6.74
CA PHE A 23 35.35 8.14 6.24
C PHE A 23 35.80 6.95 7.07
N GLN A 24 36.95 7.05 7.73
CA GLN A 24 37.27 6.10 8.78
C GLN A 24 36.38 6.30 10.00
N GLY A 25 35.88 7.52 10.18
CA GLY A 25 35.03 7.84 11.30
C GLY A 25 33.62 7.31 11.17
N ILE A 26 32.97 7.58 10.03
CA ILE A 26 31.63 7.05 9.83
C ILE A 26 31.66 5.53 9.74
N GLN A 27 32.67 4.98 9.06
CA GLN A 27 32.86 3.54 9.08
C GLN A 27 32.98 3.04 10.51
N GLU A 28 33.66 3.79 11.38
CA GLU A 28 33.65 3.49 12.80
C GLU A 28 32.27 3.77 13.40
N THR A 29 31.67 4.90 13.04
CA THR A 29 30.37 5.27 13.59
C THR A 29 29.27 4.33 13.12
N HIS A 30 29.38 3.81 11.90
CA HIS A 30 28.35 2.91 11.37
C HIS A 30 28.47 1.51 11.92
N ARG A 31 29.61 1.15 12.52
CA ARG A 31 29.70 -0.10 13.26
C ARG A 31 28.91 -0.03 14.55
N LEU A 32 29.14 1.01 15.34
CA LEU A 32 28.47 1.20 16.61
C LEU A 32 26.99 1.54 16.45
N TYR A 33 26.48 1.63 15.23
CA TYR A 33 25.06 1.83 14.98
C TYR A 33 24.35 0.53 14.64
N ARG A 34 24.88 -0.24 13.70
CA ARG A 34 24.32 -1.55 13.40
C ARG A 34 24.40 -2.48 14.59
N LEU A 35 25.32 -2.22 15.52
CA LEU A 35 25.32 -2.92 16.79
C LEU A 35 24.16 -2.44 17.66
N LYS A 36 23.95 -1.12 17.72
CA LYS A 36 22.80 -0.58 18.45
C LYS A 36 21.49 -1.00 17.78
N LEU A 37 21.46 -1.04 16.45
CA LEU A 37 20.25 -1.46 15.76
C LEU A 37 19.92 -2.91 16.02
N GLU A 38 20.93 -3.76 16.22
CA GLU A 38 20.66 -5.17 16.44
C GLU A 38 20.30 -5.45 17.89
N GLU A 39 20.90 -4.73 18.84
CA GLU A 39 20.50 -4.90 20.23
C GLU A 39 19.16 -4.24 20.52
N LEU A 40 18.76 -3.25 19.72
CA LEU A 40 17.44 -2.67 19.86
C LEU A 40 16.37 -3.57 19.27
N THR A 41 16.69 -4.28 18.18
CA THR A 41 15.73 -5.20 17.58
C THR A 41 15.45 -6.40 18.47
N LYS A 42 16.33 -6.69 19.42
CA LYS A 42 16.08 -7.75 20.39
C LYS A 42 15.37 -7.24 21.64
N LEU A 43 15.58 -5.97 21.98
CA LEU A 43 14.83 -5.37 23.08
C LEU A 43 13.36 -5.23 22.75
N GLN A 44 13.03 -5.04 21.46
CA GLN A 44 11.64 -4.98 21.05
C GLN A 44 10.97 -6.34 21.22
N ALA A 45 11.56 -7.39 20.65
CA ALA A 45 10.98 -8.72 20.74
C ALA A 45 10.94 -9.21 22.18
N ASN A 46 11.97 -8.90 22.96
CA ASN A 46 11.95 -9.20 24.39
C ASN A 46 10.76 -8.52 25.06
N CYS A 47 10.60 -7.22 24.83
CA CYS A 47 9.52 -6.47 25.44
C CYS A 47 8.16 -6.81 24.86
N THR A 48 8.10 -7.53 23.74
CA THR A 48 6.81 -7.87 23.13
C THR A 48 6.27 -9.18 23.67
N ASN A 49 7.12 -10.20 23.81
CA ASN A 49 6.69 -11.47 24.37
C ASN A 49 6.38 -11.36 25.87
N SER A 50 6.91 -10.35 26.54
CA SER A 50 6.74 -10.24 27.99
C SER A 50 5.49 -9.47 28.38
N ILE A 51 4.99 -8.58 27.52
CA ILE A 51 3.72 -7.91 27.80
C ILE A 51 2.56 -8.59 27.12
N THR A 52 2.81 -9.58 26.25
CA THR A 52 1.74 -10.34 25.64
C THR A 52 1.46 -11.64 26.37
N ARG A 53 2.45 -12.20 27.06
CA ARG A 53 2.20 -13.38 27.88
C ARG A 53 1.59 -13.00 29.22
N GLN A 54 1.89 -11.81 29.72
CA GLN A 54 1.25 -11.34 30.94
C GLN A 54 -0.19 -10.93 30.69
N LYS A 55 -0.46 -10.30 29.54
CA LYS A 55 -1.82 -9.89 29.21
C LYS A 55 -2.73 -11.10 29.03
N LYS A 56 -2.29 -12.09 28.25
CA LYS A 56 -3.07 -13.32 28.11
C LYS A 56 -3.20 -14.05 29.43
N ARG A 57 -2.21 -13.88 30.32
CA ARG A 57 -2.35 -14.37 31.68
C ARG A 57 -3.22 -13.46 32.54
N LEU A 58 -3.28 -12.18 32.19
CA LEU A 58 -4.10 -11.24 32.96
C LEU A 58 -5.59 -11.53 32.76
N GLN A 59 -6.02 -11.69 31.51
CA GLN A 59 -7.41 -12.03 31.25
C GLN A 59 -7.79 -13.35 31.89
N GLU A 60 -6.84 -14.29 31.96
CA GLU A 60 -7.07 -15.53 32.71
C GLU A 60 -7.42 -15.23 34.16
N LEU A 61 -6.73 -14.26 34.76
CA LEU A 61 -7.07 -13.85 36.12
C LEU A 61 -8.49 -13.29 36.18
N ALA A 62 -8.92 -12.60 35.13
CA ALA A 62 -10.25 -11.98 35.14
C ALA A 62 -11.35 -13.03 35.10
N LEU A 63 -11.20 -14.05 34.24
CA LEU A 63 -12.22 -15.09 34.14
C LEU A 63 -12.31 -15.90 35.43
N VAL A 64 -11.17 -16.15 36.08
CA VAL A 64 -11.17 -16.78 37.39
C VAL A 64 -11.89 -15.91 38.41
N LEU A 65 -11.92 -14.60 38.18
CA LEU A 65 -12.69 -13.69 39.03
C LEU A 65 -14.11 -13.50 38.54
N LYS A 66 -14.31 -13.51 37.21
CA LYS A 66 -15.62 -13.21 36.66
C LYS A 66 -16.67 -14.23 37.07
N LYS A 67 -16.26 -15.49 37.31
CA LYS A 67 -17.24 -16.51 37.66
C LYS A 67 -17.72 -16.39 39.09
N CYS A 68 -16.96 -15.73 39.97
CA CYS A 68 -17.29 -15.70 41.39
C CYS A 68 -18.16 -14.51 41.78
N ARG A 69 -17.99 -13.36 41.12
CA ARG A 69 -18.77 -12.18 41.46
C ARG A 69 -20.29 -12.39 41.37
N PRO A 70 -20.83 -13.20 40.44
CA PRO A 70 -22.27 -13.48 40.53
C PRO A 70 -22.63 -14.35 41.72
N SER A 71 -21.76 -15.29 42.10
CA SER A 71 -22.05 -16.21 43.19
C SER A 71 -21.57 -15.69 44.54
N LEU A 72 -20.60 -14.79 44.56
CA LEU A 72 -20.03 -14.19 45.78
C LEU A 72 -19.89 -15.18 46.94
N SER A 76 -18.76 -6.88 50.74
CA SER A 76 -17.39 -7.02 50.25
C SER A 76 -17.39 -7.27 48.74
N MET A 77 -18.58 -7.37 48.15
CA MET A 77 -18.70 -7.64 46.73
C MET A 77 -18.01 -6.58 45.87
N GLU A 78 -17.83 -5.38 46.40
CA GLU A 78 -17.10 -4.35 45.67
C GLU A 78 -15.60 -4.40 45.92
N ALA A 79 -15.17 -4.99 47.04
CA ALA A 79 -13.75 -5.28 47.21
C ALA A 79 -13.28 -6.30 46.18
N ALA A 80 -14.18 -7.16 45.71
CA ALA A 80 -13.84 -8.05 44.61
C ALA A 80 -13.83 -7.31 43.29
N GLN A 81 -14.79 -6.41 43.07
CA GLN A 81 -14.85 -5.68 41.81
C GLN A 81 -13.89 -4.51 41.77
N GLU A 82 -13.21 -4.19 42.87
CA GLU A 82 -12.11 -3.24 42.78
C GLU A 82 -10.88 -3.86 42.15
N LEU A 83 -10.88 -5.18 41.93
CA LEU A 83 -9.89 -5.78 41.06
C LEU A 83 -10.11 -5.40 39.61
N GLU A 84 -11.36 -5.06 39.24
CA GLU A 84 -11.66 -4.67 37.88
C GLU A 84 -10.85 -3.45 37.46
N ASN A 85 -11.07 -2.32 38.13
CA ASN A 85 -10.30 -1.12 37.81
C ASN A 85 -8.83 -1.28 38.10
N GLN A 86 -8.43 -2.34 38.81
CA GLN A 86 -7.02 -2.65 39.01
C GLN A 86 -6.40 -3.28 37.76
N MET A 87 -7.20 -3.99 36.96
CA MET A 87 -6.72 -4.52 35.69
C MET A 87 -7.46 -3.92 34.49
N LYS A 88 -8.30 -2.91 34.71
CA LYS A 88 -8.90 -2.21 33.59
C LYS A 88 -7.92 -1.23 32.96
N GLU A 89 -7.27 -0.41 33.79
CA GLU A 89 -6.21 0.46 33.31
C GLU A 89 -4.90 -0.31 33.14
N ARG A 90 -4.69 -1.36 33.93
CA ARG A 90 -3.48 -2.18 33.79
C ARG A 90 -3.40 -2.79 32.39
N GLN A 91 -4.49 -3.38 31.92
CA GLN A 91 -4.54 -3.84 30.54
C GLN A 91 -4.50 -2.67 29.56
N GLY A 92 -4.95 -1.49 29.98
CA GLY A 92 -4.74 -0.30 29.19
C GLY A 92 -3.34 0.25 29.32
N LEU A 93 -2.67 -0.03 30.44
CA LEU A 93 -1.25 0.30 30.55
C LEU A 93 -0.43 -0.51 29.56
N PHE A 94 -0.81 -1.77 29.35
CA PHE A 94 -0.18 -2.57 28.31
C PHE A 94 -0.43 -1.97 26.93
N PHE A 95 -1.56 -1.28 26.75
CA PHE A 95 -1.87 -0.70 25.45
C PHE A 95 -0.98 0.50 25.13
N ASP A 96 -0.58 1.26 26.14
CA ASP A 96 0.35 2.35 25.89
C ASP A 96 1.78 1.82 25.79
N MET A 97 2.07 0.70 26.44
CA MET A 97 3.33 0.00 26.21
C MET A 97 3.41 -0.47 24.76
N GLU A 98 2.48 -1.33 24.35
CA GLU A 98 2.46 -1.92 23.02
C GLU A 98 2.37 -0.88 21.91
N ALA A 99 2.14 0.39 22.23
CA ALA A 99 2.04 1.44 21.23
C ALA A 99 3.40 1.88 20.71
N TYR A 100 4.48 1.55 21.42
CA TYR A 100 5.82 1.86 20.98
C TYR A 100 6.58 0.64 20.48
N LEU A 101 5.97 -0.55 20.56
CA LEU A 101 6.51 -1.78 20.00
C LEU A 101 5.95 -1.99 18.60
N PRO A 102 6.76 -2.53 17.68
CA PRO A 102 6.23 -2.84 16.34
C PRO A 102 5.21 -3.96 16.40
N LYS A 103 4.03 -3.70 15.84
CA LYS A 103 2.99 -4.71 15.73
C LYS A 103 3.29 -5.61 14.53
N LYS A 104 2.31 -6.43 14.16
CA LYS A 104 2.39 -7.22 12.94
C LYS A 104 1.15 -6.94 12.10
N ASN A 105 1.34 -6.85 10.79
CA ASN A 105 0.27 -6.48 9.88
C ASN A 105 -0.90 -7.46 10.00
N GLY A 106 -2.10 -6.95 9.75
CA GLY A 106 -3.29 -7.78 9.68
C GLY A 106 -3.34 -8.53 8.37
N LEU A 107 -4.47 -9.21 8.17
CA LEU A 107 -4.66 -9.99 6.94
C LEU A 107 -4.68 -9.09 5.71
N TYR A 108 -5.07 -7.83 5.86
CA TYR A 108 -5.17 -6.95 4.70
C TYR A 108 -3.84 -6.31 4.36
N LEU A 109 -3.10 -5.83 5.35
CA LEU A 109 -1.82 -5.20 5.06
C LEU A 109 -0.77 -6.22 4.62
N SER A 110 -0.83 -7.43 5.18
CA SER A 110 0.08 -8.48 4.71
C SER A 110 -0.20 -8.86 3.27
N LEU A 111 -1.45 -8.70 2.82
CA LEU A 111 -1.77 -8.89 1.41
C LEU A 111 -1.17 -7.79 0.56
N VAL A 112 -1.52 -6.54 0.85
CA VAL A 112 -1.13 -5.43 -0.01
C VAL A 112 0.36 -5.15 0.09
N LEU A 113 0.86 -5.01 1.31
CA LEU A 113 2.23 -4.56 1.53
C LEU A 113 3.23 -5.68 1.75
N GLY A 114 2.79 -6.81 2.27
CA GLY A 114 3.72 -7.84 2.69
C GLY A 114 3.96 -7.75 4.18
N ASN A 115 5.14 -8.16 4.64
CA ASN A 115 5.46 -8.14 6.06
C ASN A 115 6.45 -7.04 6.41
N VAL A 116 6.31 -5.89 5.75
CA VAL A 116 7.02 -4.70 6.22
C VAL A 116 6.38 -4.20 7.51
N ASN A 117 7.12 -3.39 8.25
CA ASN A 117 6.62 -2.78 9.46
C ASN A 117 6.09 -1.38 9.14
N VAL A 118 4.87 -1.10 9.59
CA VAL A 118 4.21 0.17 9.29
C VAL A 118 3.82 0.93 10.54
N THR A 119 4.20 0.45 11.72
CA THR A 119 3.86 1.14 12.95
C THR A 119 4.85 2.26 13.23
N LEU A 120 4.34 3.47 13.45
CA LEU A 120 5.15 4.60 13.84
C LEU A 120 5.44 4.51 15.33
N LEU A 121 6.72 4.45 15.69
CA LEU A 121 7.13 4.14 17.06
C LEU A 121 7.26 5.38 17.94
N SER A 122 6.57 6.47 17.58
CA SER A 122 6.58 7.70 18.35
C SER A 122 5.15 8.16 18.55
N LYS A 123 4.96 9.09 19.48
CA LYS A 123 3.66 9.74 19.58
C LYS A 123 3.55 10.94 18.65
N GLN A 124 4.68 11.57 18.33
CA GLN A 124 4.69 12.62 17.32
C GLN A 124 4.61 12.06 15.92
N ALA A 125 4.97 10.80 15.72
CA ALA A 125 4.92 10.18 14.39
C ALA A 125 3.55 9.63 14.06
N LYS A 126 2.79 9.18 15.07
CA LYS A 126 1.41 8.81 14.84
C LYS A 126 0.56 10.04 14.55
N PHE A 127 0.85 11.16 15.23
CA PHE A 127 0.19 12.42 14.91
C PHE A 127 0.51 12.86 13.50
N ALA A 128 1.80 13.01 13.19
CA ALA A 128 2.22 13.49 11.88
C ALA A 128 1.73 12.60 10.75
N TYR A 129 1.44 11.34 11.02
CA TYR A 129 0.88 10.47 10.00
C TYR A 129 -0.64 10.59 9.90
N LYS A 130 -1.32 10.81 11.03
CA LYS A 130 -2.76 11.03 10.97
C LYS A 130 -3.10 12.43 10.48
N ASP A 131 -2.17 13.38 10.58
CA ASP A 131 -2.37 14.68 9.96
C ASP A 131 -2.20 14.58 8.45
N GLU A 132 -1.15 13.88 8.00
CA GLU A 132 -0.96 13.64 6.58
C GLU A 132 -2.12 12.85 5.99
N TYR A 133 -2.79 12.04 6.82
CA TYR A 133 -3.93 11.26 6.32
C TYR A 133 -5.17 12.13 6.14
N GLU A 134 -5.38 13.10 7.03
CA GLU A 134 -6.51 14.01 6.86
C GLU A 134 -6.28 14.98 5.72
N LYS A 135 -5.03 15.42 5.53
CA LYS A 135 -4.72 16.26 4.39
C LYS A 135 -4.84 15.51 3.08
N PHE A 136 -4.53 14.20 3.09
CA PHE A 136 -4.69 13.39 1.89
C PHE A 136 -6.15 13.34 1.46
N LYS A 137 -7.04 13.03 2.40
CA LYS A 137 -8.47 12.99 2.08
C LYS A 137 -9.00 14.35 1.65
N LEU A 138 -8.34 15.44 2.05
CA LEU A 138 -8.78 16.76 1.65
C LEU A 138 -8.30 17.11 0.25
N TYR A 139 -7.07 16.74 -0.08
CA TYR A 139 -6.55 17.06 -1.41
C TYR A 139 -7.25 16.25 -2.49
N LEU A 140 -7.56 14.99 -2.21
CA LEU A 140 -8.34 14.19 -3.15
C LEU A 140 -9.82 14.53 -3.12
N THR A 141 -10.27 15.28 -2.11
CA THR A 141 -11.62 15.80 -2.12
C THR A 141 -11.75 17.01 -3.03
N ILE A 142 -10.67 17.78 -3.19
CA ILE A 142 -10.67 18.88 -4.15
C ILE A 142 -10.59 18.38 -5.58
N ILE A 143 -10.04 17.18 -5.80
CA ILE A 143 -10.03 16.58 -7.11
C ILE A 143 -11.33 15.86 -7.41
N LEU A 144 -11.87 15.14 -6.42
CA LEU A 144 -13.13 14.42 -6.61
C LEU A 144 -14.33 15.36 -6.63
N ILE A 145 -14.16 16.64 -6.31
CA ILE A 145 -15.25 17.61 -6.45
C ILE A 145 -15.07 18.47 -7.70
N VAL A 146 -13.88 18.51 -8.28
CA VAL A 146 -13.69 19.18 -9.56
C VAL A 146 -13.93 18.22 -10.72
N ILE A 147 -13.57 16.95 -10.57
CA ILE A 147 -13.80 15.97 -11.63
C ILE A 147 -15.26 15.52 -11.63
N SER A 148 -15.93 15.53 -10.49
CA SER A 148 -17.33 15.17 -10.43
C SER A 148 -18.26 16.34 -10.72
N PHE A 149 -17.73 17.55 -10.85
CA PHE A 149 -18.55 18.67 -11.27
C PHE A 149 -18.58 18.83 -12.78
N THR A 150 -17.43 18.69 -13.44
CA THR A 150 -17.42 18.64 -14.90
C THR A 150 -18.25 17.47 -15.41
N CYS A 151 -18.03 16.28 -14.84
CA CYS A 151 -18.81 15.10 -15.19
C CYS A 151 -20.31 15.37 -15.07
N ARG A 152 -20.72 16.04 -13.99
CA ARG A 152 -22.13 16.24 -13.74
C ARG A 152 -22.71 17.35 -14.62
N PHE A 153 -22.02 18.47 -14.73
CA PHE A 153 -22.56 19.64 -15.42
C PHE A 153 -21.88 19.95 -16.75
N LEU A 154 -20.57 19.79 -16.84
CA LEU A 154 -19.84 20.27 -18.01
C LEU A 154 -19.79 19.25 -19.15
N LEU A 155 -19.62 17.96 -18.84
CA LEU A 155 -19.39 16.94 -19.85
C LEU A 155 -20.32 15.77 -19.62
N ASN A 156 -21.24 15.55 -20.55
CA ASN A 156 -22.10 14.35 -20.55
C ASN A 156 -21.45 13.28 -21.42
N SER A 157 -20.35 12.75 -20.90
CA SER A 157 -19.56 11.76 -21.61
C SER A 157 -19.57 10.44 -20.84
N ARG A 158 -18.82 9.47 -21.36
CA ARG A 158 -18.64 8.18 -20.71
C ARG A 158 -17.19 7.85 -20.46
N VAL A 159 -16.25 8.37 -21.24
CA VAL A 159 -14.84 8.17 -20.94
C VAL A 159 -14.42 9.02 -19.75
N THR A 160 -15.07 10.15 -19.54
CA THR A 160 -14.79 10.97 -18.36
C THR A 160 -15.55 10.50 -17.12
N ASP A 161 -16.71 9.86 -17.31
CA ASP A 161 -17.42 9.27 -16.19
C ASP A 161 -16.71 8.02 -15.69
N ALA A 162 -16.08 7.27 -16.59
CA ALA A 162 -15.30 6.11 -16.18
C ALA A 162 -13.95 6.49 -15.60
N ALA A 163 -13.44 7.68 -15.93
CA ALA A 163 -12.25 8.19 -15.27
C ALA A 163 -12.54 8.71 -13.87
N PHE A 164 -13.80 9.07 -13.59
CA PHE A 164 -14.17 9.46 -12.24
C PHE A 164 -14.33 8.26 -11.34
N ASN A 165 -14.90 7.16 -11.86
CA ASN A 165 -15.03 5.95 -11.06
C ASN A 165 -13.70 5.26 -10.86
N PHE A 166 -12.73 5.45 -11.75
CA PHE A 166 -11.40 4.90 -11.53
C PHE A 166 -10.63 5.68 -10.47
N LEU A 167 -10.88 6.98 -10.37
CA LEU A 167 -10.34 7.74 -9.24
C LEU A 167 -11.04 7.35 -7.95
N LEU A 168 -12.37 7.23 -8.00
CA LEU A 168 -13.12 6.82 -6.81
C LEU A 168 -12.68 5.46 -6.32
N VAL A 169 -12.38 4.53 -7.23
CA VAL A 169 -11.88 3.22 -6.82
C VAL A 169 -10.50 3.37 -6.21
N TRP A 170 -9.61 4.10 -6.88
CA TRP A 170 -8.25 4.26 -6.37
C TRP A 170 -8.23 5.06 -5.08
N TYR A 171 -9.15 6.00 -4.92
CA TYR A 171 -9.20 6.81 -3.71
C TYR A 171 -9.71 6.01 -2.51
N TYR A 172 -10.67 5.11 -2.73
CA TYR A 172 -11.17 4.27 -1.66
C TYR A 172 -10.27 3.09 -1.37
N CYS A 173 -9.45 2.66 -2.34
CA CYS A 173 -8.47 1.63 -2.07
C CYS A 173 -7.26 2.17 -1.31
N THR A 174 -6.92 3.44 -1.55
CA THR A 174 -5.86 4.09 -0.79
C THR A 174 -6.30 4.42 0.63
N LEU A 175 -7.61 4.58 0.85
CA LEU A 175 -8.10 4.80 2.21
C LEU A 175 -8.03 3.53 3.04
N THR A 176 -8.41 2.39 2.46
CA THR A 176 -8.33 1.13 3.19
C THR A 176 -6.90 0.83 3.61
N ILE A 177 -5.92 1.18 2.79
CA ILE A 177 -4.53 0.99 3.14
C ILE A 177 -4.12 1.96 4.25
N ARG A 178 -4.52 3.22 4.13
CA ARG A 178 -4.12 4.22 5.11
C ARG A 178 -4.92 4.10 6.40
N GLU A 179 -6.15 3.61 6.33
CA GLU A 179 -6.91 3.35 7.55
C GLU A 179 -6.49 2.05 8.22
N SER A 180 -5.79 1.18 7.50
CA SER A 180 -5.22 -0.02 8.10
C SER A 180 -3.86 0.23 8.73
N ILE A 181 -3.14 1.25 8.25
CA ILE A 181 -1.91 1.65 8.92
C ILE A 181 -2.23 2.49 10.15
N LEU A 182 -3.37 3.18 10.15
CA LEU A 182 -3.81 3.87 11.36
C LEU A 182 -4.29 2.89 12.41
N ILE A 183 -4.98 1.83 12.00
CA ILE A 183 -5.64 0.94 12.94
C ILE A 183 -4.63 0.18 13.79
N ASN A 184 -3.48 -0.18 13.25
CA ASN A 184 -2.48 -0.86 14.04
C ASN A 184 -1.53 0.11 14.74
N ASN A 185 -1.47 1.36 14.31
CA ASN A 185 -0.77 2.40 15.08
C ASN A 185 -1.73 3.16 15.98
N GLY A 186 -2.55 2.44 16.74
CA GLY A 186 -3.25 3.01 17.88
C GLY A 186 -4.55 3.75 17.62
N SER A 187 -5.17 3.60 16.45
CA SER A 187 -6.38 4.33 16.14
C SER A 187 -7.62 3.49 16.46
N ARG A 188 -8.60 4.14 17.08
CA ARG A 188 -9.86 3.49 17.46
C ARG A 188 -10.94 3.66 16.40
N ILE A 189 -10.62 3.34 15.15
CA ILE A 189 -11.59 3.50 14.07
C ILE A 189 -12.62 2.38 14.18
N LYS A 190 -13.90 2.76 14.31
CA LYS A 190 -14.95 1.77 14.42
C LYS A 190 -14.99 0.88 13.17
N GLY A 191 -15.40 -0.37 13.38
CA GLY A 191 -15.31 -1.36 12.32
C GLY A 191 -16.04 -0.97 11.05
N TRP A 192 -17.11 -0.18 11.17
CA TRP A 192 -17.89 0.16 9.98
C TRP A 192 -17.10 1.07 9.04
N TRP A 193 -16.49 2.12 9.59
CA TRP A 193 -15.84 3.12 8.73
C TRP A 193 -14.78 2.50 7.84
N VAL A 194 -14.12 1.44 8.29
CA VAL A 194 -13.15 0.77 7.44
C VAL A 194 -13.85 -0.17 6.46
N PHE A 195 -15.07 -0.60 6.75
CA PHE A 195 -15.81 -1.42 5.81
C PHE A 195 -16.57 -0.57 4.79
N ALA A 196 -17.03 0.61 5.18
CA ALA A 196 -17.72 1.49 4.25
C ALA A 196 -16.84 1.88 3.07
N ALA A 197 -15.53 1.69 3.17
CA ALA A 197 -14.63 1.95 2.05
C ALA A 197 -14.56 0.76 1.10
N TYR A 198 -14.65 -0.47 1.60
CA TYR A 198 -14.75 -1.61 0.71
C TYR A 198 -16.09 -1.64 -0.01
N VAL A 199 -17.15 -1.18 0.65
CA VAL A 199 -18.46 -1.14 0.02
C VAL A 199 -18.49 -0.07 -1.08
N SER A 200 -17.78 1.04 -0.86
CA SER A 200 -17.78 2.12 -1.84
C SER A 200 -16.87 1.82 -3.02
N THR A 201 -15.76 1.12 -2.80
CA THR A 201 -14.94 0.65 -3.90
C THR A 201 -15.73 -0.32 -4.78
N PHE A 202 -16.48 -1.23 -4.17
CA PHE A 202 -17.32 -2.15 -4.93
C PHE A 202 -18.39 -1.39 -5.70
N LEU A 203 -19.10 -0.49 -5.01
CA LEU A 203 -20.17 0.25 -5.64
C LEU A 203 -19.66 1.08 -6.82
N SER A 204 -18.47 1.64 -6.70
CA SER A 204 -17.86 2.36 -7.81
C SER A 204 -17.15 1.45 -8.80
N GLY A 205 -16.95 0.19 -8.45
CA GLY A 205 -16.39 -0.78 -9.37
C GLY A 205 -17.44 -1.29 -10.34
N VAL A 206 -18.64 -1.58 -9.83
CA VAL A 206 -19.75 -2.02 -10.65
C VAL A 206 -20.33 -0.83 -11.40
N MET A 207 -19.80 0.36 -11.12
CA MET A 207 -20.16 1.56 -11.85
C MET A 207 -19.38 1.72 -13.15
N LEU A 208 -18.24 1.03 -13.27
CA LEU A 208 -17.47 1.03 -14.52
C LEU A 208 -18.02 -0.01 -15.49
N THR A 209 -18.39 -1.18 -14.98
CA THR A 209 -18.95 -2.23 -15.82
C THR A 209 -20.33 -1.88 -16.37
N TRP A 210 -20.97 -0.84 -15.85
CA TRP A 210 -22.31 -0.44 -16.27
C TRP A 210 -22.28 0.09 -17.70
N PRO A 211 -22.85 -0.62 -18.68
CA PRO A 211 -22.81 -0.13 -20.06
C PRO A 211 -23.65 1.12 -20.23
N ASP A 212 -23.07 2.13 -20.88
CA ASP A 212 -23.83 3.33 -21.22
C ASP A 212 -25.07 2.95 -21.99
N GLY A 213 -26.22 3.42 -21.51
CA GLY A 213 -27.49 3.07 -22.10
C GLY A 213 -28.60 3.96 -21.62
N LEU A 214 -29.76 3.37 -21.32
CA LEU A 214 -30.92 4.13 -20.89
C LEU A 214 -31.07 4.20 -19.38
N MET A 215 -30.65 3.16 -18.66
CA MET A 215 -30.69 3.21 -17.20
C MET A 215 -29.53 4.00 -16.63
N TYR A 216 -28.37 3.97 -17.31
CA TYR A 216 -27.22 4.73 -16.82
C TYR A 216 -27.48 6.22 -16.88
N GLN A 217 -28.08 6.71 -17.97
CA GLN A 217 -28.38 8.12 -18.09
C GLN A 217 -29.52 8.56 -17.19
N LYS A 218 -30.24 7.62 -16.57
CA LYS A 218 -31.29 7.98 -15.61
C LYS A 218 -30.79 7.97 -14.18
N PHE A 219 -29.66 7.33 -13.89
CA PHE A 219 -29.02 7.39 -12.60
C PHE A 219 -27.72 8.19 -12.62
N ARG A 220 -27.26 8.63 -13.79
CA ARG A 220 -26.01 9.36 -13.88
C ARG A 220 -26.05 10.63 -13.05
N ASN A 221 -27.14 11.40 -13.17
CA ASN A 221 -27.22 12.69 -12.48
C ASN A 221 -27.33 12.52 -10.99
N GLN A 222 -27.96 11.44 -10.52
CA GLN A 222 -28.08 11.21 -9.09
C GLN A 222 -26.74 10.84 -8.47
N PHE A 223 -26.08 9.83 -9.03
CA PHE A 223 -24.79 9.39 -8.50
C PHE A 223 -23.77 10.51 -8.54
N LEU A 224 -23.72 11.26 -9.63
CA LEU A 224 -22.68 12.28 -9.79
C LEU A 224 -22.89 13.45 -8.83
N SER A 225 -24.13 13.88 -8.65
CA SER A 225 -24.41 14.97 -7.74
C SER A 225 -24.41 14.55 -6.28
N PHE A 226 -24.44 13.24 -6.00
CA PHE A 226 -24.26 12.79 -4.62
C PHE A 226 -22.78 12.74 -4.26
N SER A 227 -21.96 12.09 -5.10
CA SER A 227 -20.53 12.06 -4.86
C SER A 227 -19.88 13.42 -5.05
N MET A 228 -20.62 14.43 -5.50
CA MET A 228 -20.19 15.81 -5.41
C MET A 228 -20.60 16.43 -4.09
N TYR A 229 -21.72 15.98 -3.52
CA TYR A 229 -22.10 16.37 -2.17
C TYR A 229 -21.24 15.66 -1.14
N GLN A 230 -21.02 14.35 -1.34
CA GLN A 230 -20.20 13.58 -0.43
C GLN A 230 -18.77 14.11 -0.33
N SER A 231 -18.32 14.85 -1.34
CA SER A 231 -17.03 15.53 -1.23
C SER A 231 -17.14 16.83 -0.48
N PHE A 232 -18.27 17.53 -0.60
CA PHE A 232 -18.44 18.77 0.14
C PHE A 232 -18.52 18.50 1.65
N VAL A 233 -19.17 17.40 2.04
CA VAL A 233 -19.24 17.05 3.45
C VAL A 233 -17.89 16.58 3.98
N GLN A 234 -16.99 16.15 3.10
CA GLN A 234 -15.63 15.83 3.51
C GLN A 234 -14.76 17.06 3.66
N PHE A 235 -15.26 18.25 3.28
CA PHE A 235 -14.60 19.49 3.67
C PHE A 235 -14.93 19.84 5.11
N LEU A 236 -16.15 19.55 5.56
CA LEU A 236 -16.53 19.78 6.94
C LEU A 236 -15.98 18.69 7.86
N GLN A 237 -15.88 17.46 7.37
CA GLN A 237 -15.24 16.41 8.15
C GLN A 237 -13.78 16.73 8.39
N TYR A 238 -13.09 17.26 7.38
CA TYR A 238 -11.69 17.62 7.55
C TYR A 238 -11.51 18.65 8.64
N TYR A 239 -12.26 19.75 8.58
CA TYR A 239 -12.05 20.83 9.52
C TYR A 239 -12.46 20.43 10.94
N TYR A 240 -13.37 19.48 11.07
CA TYR A 240 -13.68 18.91 12.38
C TYR A 240 -12.64 17.88 12.79
N GLN A 241 -12.32 16.94 11.89
CA GLN A 241 -11.39 15.87 12.24
C GLN A 241 -10.01 16.43 12.54
N SER A 242 -9.55 17.40 11.74
CA SER A 242 -8.26 18.03 11.99
C SER A 242 -8.30 19.06 13.11
N GLY A 243 -9.49 19.50 13.52
CA GLY A 243 -9.60 20.37 14.66
C GLY A 243 -9.67 19.56 15.93
N CYS A 244 -10.22 18.35 15.83
CA CYS A 244 -10.23 17.43 16.96
C CYS A 244 -8.88 16.75 17.15
N LEU A 245 -8.02 16.81 16.15
CA LEU A 245 -6.70 16.21 16.18
C LEU A 245 -5.61 17.17 16.64
N TYR A 246 -5.74 18.46 16.32
CA TYR A 246 -4.82 19.48 16.78
C TYR A 246 -5.18 20.04 18.15
N ARG A 247 -6.40 19.76 18.64
CA ARG A 247 -6.78 20.15 19.99
C ARG A 247 -6.63 19.03 21.00
N LEU A 248 -6.75 17.77 20.56
CA LEU A 248 -6.51 16.67 21.47
C LEU A 248 -5.04 16.56 21.84
N ARG A 249 -4.14 17.00 20.94
CA ARG A 249 -2.73 17.05 21.27
C ARG A 249 -2.46 18.02 22.41
N ALA A 250 -3.03 19.22 22.34
CA ALA A 250 -2.86 20.22 23.39
C ALA A 250 -4.08 20.28 24.30
N GLU A 262 -13.22 19.81 29.05
CA GLU A 262 -14.14 20.91 29.27
C GLU A 262 -14.32 21.78 28.04
N GLY A 263 -13.32 22.62 27.76
CA GLY A 263 -13.37 23.46 26.58
C GLY A 263 -13.14 22.68 25.29
N PHE A 264 -12.67 21.44 25.38
CA PHE A 264 -12.57 20.60 24.19
C PHE A 264 -13.89 19.91 23.87
N GLN A 265 -14.76 19.74 24.85
CA GLN A 265 -16.10 19.24 24.60
C GLN A 265 -17.05 20.34 24.15
N SER A 266 -16.65 21.61 24.31
CA SER A 266 -17.44 22.71 23.74
C SER A 266 -17.17 22.88 22.26
N TRP A 267 -15.98 22.50 21.80
CA TRP A 267 -15.71 22.46 20.37
C TRP A 267 -16.25 21.18 19.76
N MET A 268 -16.03 20.04 20.44
CA MET A 268 -16.46 18.76 19.89
C MET A 268 -17.98 18.70 19.75
N TRP A 269 -18.70 19.31 20.68
CA TRP A 269 -20.15 19.38 20.59
C TRP A 269 -20.61 20.61 19.83
N ARG A 270 -19.72 21.27 19.11
CA ARG A 270 -20.07 22.34 18.18
C ARG A 270 -19.75 21.96 16.75
N GLY A 271 -18.57 21.38 16.50
CA GLY A 271 -18.29 20.82 15.20
C GLY A 271 -19.20 19.65 14.86
N LEU A 272 -19.66 18.92 15.89
CA LEU A 272 -20.59 17.82 15.66
C LEU A 272 -22.00 18.34 15.36
N THR A 273 -22.43 19.37 16.08
CA THR A 273 -23.75 19.93 15.84
C THR A 273 -23.86 20.47 14.41
N PHE A 274 -22.77 21.02 13.88
CA PHE A 274 -22.74 21.53 12.53
C PHE A 274 -22.29 20.50 11.51
N LEU A 275 -22.13 19.24 11.93
CA LEU A 275 -21.78 18.14 11.04
C LEU A 275 -22.91 17.14 10.86
N LEU A 276 -23.66 16.86 11.91
CA LEU A 276 -24.72 15.87 11.83
C LEU A 276 -25.77 16.18 10.77
N PRO A 277 -26.30 17.41 10.66
CA PRO A 277 -27.26 17.67 9.58
C PRO A 277 -26.72 17.37 8.20
N PHE A 278 -25.42 17.64 7.97
CA PHE A 278 -24.80 17.32 6.69
C PHE A 278 -24.42 15.86 6.57
N LEU A 279 -24.39 15.12 7.69
CA LEU A 279 -24.18 13.68 7.62
C LEU A 279 -25.49 12.94 7.37
N PHE A 280 -26.58 13.42 7.97
CA PHE A 280 -27.88 12.77 7.82
C PHE A 280 -28.58 13.16 6.52
N PHE A 281 -28.26 14.32 5.96
CA PHE A 281 -28.68 14.60 4.61
C PHE A 281 -27.93 13.75 3.60
N GLY A 282 -26.76 13.24 3.96
CA GLY A 282 -26.00 12.36 3.11
C GLY A 282 -26.41 10.92 3.29
N HIS A 283 -26.79 10.55 4.51
CA HIS A 283 -27.25 9.19 4.75
C HIS A 283 -28.61 8.94 4.14
N PHE A 284 -29.44 9.98 4.07
CA PHE A 284 -30.77 9.87 3.47
C PHE A 284 -30.75 10.17 1.97
N TRP A 285 -29.60 10.55 1.43
CA TRP A 285 -29.38 10.55 0.00
C TRP A 285 -28.91 9.20 -0.51
N GLN A 286 -28.15 8.47 0.32
CA GLN A 286 -27.82 7.10 -0.01
C GLN A 286 -29.06 6.21 0.03
N LEU A 287 -29.96 6.46 0.98
CA LEU A 287 -31.23 5.75 0.99
C LEU A 287 -32.04 6.08 -0.25
N PHE A 288 -32.10 7.36 -0.62
CA PHE A 288 -32.81 7.74 -1.82
C PHE A 288 -32.14 7.18 -3.06
N ASN A 289 -30.81 7.11 -3.06
CA ASN A 289 -30.08 6.52 -4.18
C ASN A 289 -30.30 5.02 -4.27
N ALA A 290 -30.66 4.37 -3.17
CA ALA A 290 -30.91 2.93 -3.21
C ALA A 290 -32.31 2.63 -3.74
N LEU A 291 -33.32 3.31 -3.20
CA LEU A 291 -34.68 3.10 -3.65
C LEU A 291 -34.85 3.43 -5.13
N THR A 292 -34.07 4.36 -5.65
CA THR A 292 -34.10 4.66 -7.08
C THR A 292 -33.67 3.43 -7.88
N LEU A 293 -32.50 2.88 -7.57
CA LEU A 293 -32.02 1.69 -8.24
C LEU A 293 -32.91 0.47 -8.01
N PHE A 294 -33.86 0.55 -7.06
CA PHE A 294 -34.86 -0.49 -6.92
C PHE A 294 -36.10 -0.21 -7.74
N ASN A 295 -36.35 1.06 -8.09
CA ASN A 295 -37.42 1.41 -9.00
C ASN A 295 -36.95 1.48 -10.45
N LEU A 296 -35.63 1.55 -10.68
CA LEU A 296 -35.09 1.39 -12.02
C LEU A 296 -35.02 -0.07 -12.43
N ALA A 297 -35.06 -0.99 -11.47
CA ALA A 297 -35.04 -2.41 -11.79
C ALA A 297 -36.41 -2.89 -12.27
N ARG A 298 -37.47 -2.48 -11.57
CA ARG A 298 -38.82 -2.91 -11.94
C ARG A 298 -39.25 -2.40 -13.31
N ASP A 299 -38.46 -1.55 -13.95
CA ASP A 299 -38.78 -1.01 -15.26
C ASP A 299 -38.36 -1.98 -16.35
N PRO A 300 -39.22 -2.28 -17.32
CA PRO A 300 -38.85 -3.24 -18.37
C PRO A 300 -37.64 -2.82 -19.19
N GLU A 301 -37.44 -1.52 -19.42
CA GLU A 301 -36.32 -1.04 -20.22
C GLU A 301 -34.98 -1.29 -19.54
N CYS A 302 -35.01 -1.87 -18.34
CA CYS A 302 -33.79 -2.23 -17.63
C CYS A 302 -33.33 -3.61 -18.06
N LYS A 303 -32.04 -3.74 -18.34
CA LYS A 303 -31.47 -5.01 -18.78
C LYS A 303 -30.12 -5.29 -18.13
N GLU A 304 -29.76 -4.58 -17.06
CA GLU A 304 -28.42 -4.63 -16.51
C GLU A 304 -28.49 -4.99 -15.03
N TRP A 305 -27.69 -5.98 -14.63
CA TRP A 305 -27.59 -6.34 -13.22
C TRP A 305 -27.00 -5.19 -12.39
N GLN A 306 -26.26 -4.28 -13.03
CA GLN A 306 -25.65 -3.18 -12.30
C GLN A 306 -26.67 -2.24 -11.67
N VAL A 307 -27.93 -2.31 -12.11
CA VAL A 307 -28.97 -1.52 -11.47
C VAL A 307 -29.23 -2.04 -10.07
N LEU A 308 -29.38 -3.35 -9.94
CA LEU A 308 -29.65 -3.93 -8.62
C LEU A 308 -28.40 -3.94 -7.75
N MET A 309 -27.25 -4.25 -8.33
CA MET A 309 -26.02 -4.39 -7.56
C MET A 309 -25.39 -3.06 -7.17
N CYS A 310 -26.04 -1.93 -7.50
CA CYS A 310 -25.71 -0.66 -6.89
C CYS A 310 -26.70 -0.24 -5.83
N GLY A 311 -27.96 -0.66 -5.96
CA GLY A 311 -28.96 -0.34 -4.96
C GLY A 311 -28.73 -1.01 -3.62
N PHE A 312 -28.00 -2.11 -3.60
CA PHE A 312 -27.68 -2.78 -2.34
C PHE A 312 -26.53 -2.09 -1.63
N PRO A 313 -25.42 -1.74 -2.30
CA PRO A 313 -24.40 -0.92 -1.63
C PRO A 313 -24.94 0.38 -1.09
N PHE A 314 -25.77 1.08 -1.86
CA PHE A 314 -26.42 2.29 -1.34
C PHE A 314 -27.36 1.98 -0.19
N LEU A 315 -27.82 0.73 -0.08
CA LEU A 315 -28.64 0.33 1.05
C LEU A 315 -27.80 -0.13 2.23
N LEU A 316 -26.65 -0.74 1.97
CA LEU A 316 -25.68 -0.99 3.04
C LEU A 316 -25.13 0.31 3.59
N LEU A 317 -24.59 1.16 2.71
CA LEU A 317 -24.00 2.42 3.13
C LEU A 317 -24.99 3.30 3.86
N PHE A 318 -26.30 3.12 3.66
CA PHE A 318 -27.26 3.86 4.47
C PHE A 318 -27.33 3.29 5.87
N LEU A 319 -27.73 2.03 6.02
CA LEU A 319 -27.90 1.43 7.33
C LEU A 319 -26.60 1.39 8.10
N GLY A 320 -25.47 1.22 7.40
CA GLY A 320 -24.20 1.17 8.08
C GLY A 320 -23.77 2.54 8.59
N ASN A 321 -23.83 3.55 7.73
CA ASN A 321 -23.40 4.89 8.13
C ASN A 321 -24.37 5.50 9.13
N PHE A 322 -25.67 5.42 8.85
CA PHE A 322 -26.67 6.04 9.71
C PHE A 322 -26.64 5.45 11.11
N PHE A 323 -26.78 4.14 11.21
CA PHE A 323 -26.85 3.49 12.52
C PHE A 323 -25.51 3.42 13.21
N THR A 324 -24.46 3.99 12.64
CA THR A 324 -23.17 4.16 13.30
C THR A 324 -22.91 5.58 13.74
N THR A 325 -23.27 6.56 12.90
CA THR A 325 -23.22 7.95 13.34
C THR A 325 -24.14 8.18 14.53
N LEU A 326 -25.26 7.46 14.60
CA LEU A 326 -26.11 7.52 15.78
C LEU A 326 -25.41 6.89 16.98
N ARG A 327 -24.69 5.79 16.73
CA ARG A 327 -23.91 5.14 17.78
C ARG A 327 -22.84 6.09 18.33
N VAL A 328 -22.13 6.77 17.43
CA VAL A 328 -21.09 7.70 17.85
C VAL A 328 -21.67 8.82 18.69
N VAL A 329 -22.86 9.31 18.35
CA VAL A 329 -23.49 10.33 19.16
C VAL A 329 -24.13 9.75 20.41
N HIS A 330 -24.45 8.46 20.41
CA HIS A 330 -24.99 7.83 21.61
C HIS A 330 -23.92 7.55 22.66
N GLN A 331 -22.65 7.45 22.25
CA GLN A 331 -21.56 7.32 23.20
C GLN A 331 -21.00 8.66 23.64
N LYS A 332 -21.05 9.68 22.76
CA LYS A 332 -20.60 11.01 23.15
C LYS A 332 -21.62 11.73 24.01
N PHE A 333 -22.90 11.35 23.93
CA PHE A 333 -23.89 11.95 24.80
C PHE A 333 -23.68 11.54 26.25
N HIS A 334 -23.27 10.29 26.47
CA HIS A 334 -23.07 9.81 27.84
C HIS A 334 -21.78 10.36 28.44
N SER A 335 -20.73 10.48 27.64
CA SER A 335 -19.44 10.97 28.14
C SER A 335 -19.48 12.48 28.36
N LEU B 9 -11.44 -13.56 45.83
CA LEU B 9 -11.12 -14.01 47.18
C LEU B 9 -9.70 -13.65 47.56
N GLY B 10 -9.21 -14.24 48.65
CA GLY B 10 -7.87 -13.99 49.12
C GLY B 10 -6.81 -14.42 48.11
N ASP B 11 -6.83 -15.69 47.72
CA ASP B 11 -5.86 -16.17 46.74
C ASP B 11 -6.09 -15.56 45.36
N CYS B 12 -7.33 -15.13 45.08
CA CYS B 12 -7.61 -14.46 43.81
C CYS B 12 -6.79 -13.18 43.68
N LEU B 13 -6.46 -12.53 44.79
CA LEU B 13 -5.54 -11.42 44.77
C LEU B 13 -4.09 -11.85 44.99
N ARG B 14 -3.87 -13.02 45.60
CA ARG B 14 -2.51 -13.53 45.76
C ARG B 14 -1.86 -13.76 44.40
N ASN B 15 -2.59 -14.35 43.46
CA ASN B 15 -2.09 -14.47 42.10
C ASN B 15 -2.12 -13.16 41.35
N TRP B 16 -2.97 -12.22 41.77
CA TRP B 16 -2.99 -10.89 41.16
C TRP B 16 -1.71 -10.13 41.46
N GLU B 17 -1.09 -10.40 42.62
CA GLU B 17 0.13 -9.71 43.00
C GLU B 17 1.39 -10.44 42.54
N ASP B 18 1.34 -11.76 42.43
CA ASP B 18 2.46 -12.50 41.87
C ASP B 18 2.65 -12.21 40.39
N LEU B 19 1.66 -11.60 39.74
CA LEU B 19 1.77 -11.22 38.34
C LEU B 19 2.15 -9.75 38.16
N GLN B 20 1.78 -8.89 39.10
CA GLN B 20 2.19 -7.49 39.06
C GLN B 20 3.51 -7.24 39.79
N GLN B 21 4.04 -8.26 40.48
CA GLN B 21 5.37 -8.13 41.04
C GLN B 21 6.40 -7.87 39.96
N ASP B 22 6.21 -8.48 38.78
CA ASP B 22 7.07 -8.25 37.64
C ASP B 22 6.51 -7.21 36.68
N PHE B 23 5.28 -6.72 36.89
CA PHE B 23 4.81 -5.59 36.12
C PHE B 23 5.58 -4.32 36.45
N GLN B 24 6.19 -4.27 37.64
CA GLN B 24 7.20 -3.25 37.90
C GLN B 24 8.44 -3.49 37.08
N GLY B 25 8.70 -4.74 36.70
CA GLY B 25 9.87 -5.09 35.93
C GLY B 25 9.78 -4.66 34.48
N ILE B 26 8.69 -5.02 33.80
CA ILE B 26 8.53 -4.59 32.42
C ILE B 26 8.37 -3.08 32.36
N GLN B 27 7.64 -2.49 33.31
CA GLN B 27 7.59 -1.04 33.41
C GLN B 27 8.99 -0.46 33.55
N GLU B 28 9.85 -1.13 34.32
CA GLU B 28 11.25 -0.75 34.35
C GLU B 28 11.93 -1.07 33.03
N THR B 29 11.66 -2.26 32.49
CA THR B 29 12.30 -2.67 31.23
C THR B 29 11.84 -1.81 30.06
N HIS B 30 10.59 -1.36 30.07
CA HIS B 30 10.07 -0.55 28.97
C HIS B 30 10.51 0.90 29.05
N ARG B 31 11.03 1.35 30.20
CA ARG B 31 11.67 2.65 30.26
C ARG B 31 13.01 2.62 29.52
N LEU B 32 13.85 1.64 29.86
CA LEU B 32 15.17 1.49 29.26
C LEU B 32 15.12 1.06 27.80
N TYR B 33 13.93 0.90 27.23
CA TYR B 33 13.79 0.58 25.81
C TYR B 33 13.39 1.81 25.00
N ARG B 34 12.37 2.54 25.44
CA ARG B 34 12.02 3.81 24.79
C ARG B 34 13.16 4.81 24.87
N LEU B 35 14.05 4.65 25.85
CA LEU B 35 15.28 5.43 25.86
C LEU B 35 16.24 4.93 24.79
N LYS B 36 16.37 3.61 24.66
CA LYS B 36 17.18 3.04 23.58
C LYS B 36 16.57 3.34 22.23
N LEU B 37 15.24 3.30 22.12
CA LEU B 37 14.59 3.60 20.85
C LEU B 37 14.80 5.05 20.44
N GLU B 38 14.87 5.97 21.41
CA GLU B 38 15.03 7.38 21.06
C GLU B 38 16.48 7.73 20.75
N GLU B 39 17.43 7.10 21.45
CA GLU B 39 18.84 7.33 21.11
C GLU B 39 19.22 6.61 19.82
N LEU B 40 18.51 5.56 19.45
CA LEU B 40 18.75 4.90 18.17
C LEU B 40 18.16 5.70 17.02
N THR B 41 17.02 6.35 17.24
CA THR B 41 16.41 7.19 16.21
C THR B 41 17.24 8.42 15.90
N LYS B 42 18.13 8.82 16.80
CA LYS B 42 19.05 9.92 16.52
C LYS B 42 20.35 9.44 15.92
N LEU B 43 20.76 8.21 16.21
CA LEU B 43 21.93 7.64 15.56
C LEU B 43 21.67 7.38 14.08
N GLN B 44 20.43 7.10 13.70
CA GLN B 44 20.10 6.93 12.30
C GLN B 44 20.21 8.25 11.55
N ALA B 45 19.55 9.30 12.06
CA ALA B 45 19.59 10.60 11.40
C ALA B 45 21.01 11.16 11.39
N ASN B 46 21.74 10.97 12.49
CA ASN B 46 23.16 11.36 12.52
C ASN B 46 23.94 10.66 11.40
N CYS B 47 23.78 9.34 11.31
CA CYS B 47 24.49 8.56 10.30
C CYS B 47 23.96 8.79 8.89
N THR B 48 22.81 9.44 8.74
CA THR B 48 22.26 9.67 7.41
C THR B 48 22.74 10.98 6.81
N ASN B 49 22.76 12.05 7.60
CA ASN B 49 23.28 13.33 7.11
C ASN B 49 24.78 13.29 6.89
N SER B 50 25.49 12.36 7.52
CA SER B 50 26.94 12.32 7.43
C SER B 50 27.45 11.49 6.25
N ILE B 51 26.68 10.52 5.76
CA ILE B 51 27.06 9.81 4.55
C ILE B 51 26.39 10.37 3.31
N THR B 52 25.46 11.32 3.47
CA THR B 52 24.86 12.00 2.33
C THR B 52 25.52 13.32 1.99
N ARG B 53 26.13 13.98 2.98
CA ARG B 53 26.89 15.20 2.67
C ARG B 53 28.28 14.87 2.15
N GLN B 54 28.84 13.72 2.55
CA GLN B 54 30.12 13.30 1.99
C GLN B 54 29.94 12.80 0.56
N LYS B 55 28.86 12.08 0.29
CA LYS B 55 28.62 11.56 -1.06
C LYS B 55 28.42 12.70 -2.05
N LYS B 56 27.55 13.67 -1.71
CA LYS B 56 27.38 14.83 -2.57
C LYS B 56 28.66 15.64 -2.68
N ARG B 57 29.51 15.57 -1.64
CA ARG B 57 30.85 16.14 -1.75
C ARG B 57 31.79 15.20 -2.50
N LEU B 58 31.51 13.89 -2.48
CA LEU B 58 32.36 12.95 -3.21
C LEU B 58 32.24 13.14 -4.71
N GLN B 59 31.01 13.21 -5.22
CA GLN B 59 30.83 13.45 -6.65
C GLN B 59 31.40 14.79 -7.07
N GLU B 60 31.36 15.78 -6.18
CA GLU B 60 32.03 17.05 -6.45
C GLU B 60 33.51 16.83 -6.71
N LEU B 61 34.15 15.94 -5.95
CA LEU B 61 35.54 15.59 -6.20
C LEU B 61 35.71 14.95 -7.56
N ALA B 62 34.71 14.17 -8.00
CA ALA B 62 34.83 13.48 -9.28
C ALA B 62 34.78 14.46 -10.45
N LEU B 63 33.87 15.42 -10.41
CA LEU B 63 33.76 16.39 -11.49
C LEU B 63 35.02 17.25 -11.58
N VAL B 64 35.60 17.61 -10.43
CA VAL B 64 36.88 18.32 -10.42
C VAL B 64 37.98 17.44 -11.03
N LEU B 65 37.80 16.12 -10.99
CA LEU B 65 38.74 15.20 -11.63
C LEU B 65 38.33 14.90 -13.07
N LYS B 66 37.03 14.86 -13.35
CA LYS B 66 36.56 14.46 -14.67
C LYS B 66 36.99 15.46 -15.75
N LYS B 67 37.13 16.74 -15.39
CA LYS B 67 37.48 17.74 -16.40
C LYS B 67 38.94 17.68 -16.81
N CYS B 68 39.81 17.10 -15.97
CA CYS B 68 41.24 17.14 -16.24
C CYS B 68 41.73 15.94 -17.02
N ARG B 69 41.13 14.76 -16.81
CA ARG B 69 41.58 13.57 -17.52
C ARG B 69 41.56 13.69 -19.04
N PRO B 70 40.63 14.41 -19.67
CA PRO B 70 40.78 14.61 -21.13
C PRO B 70 41.95 15.52 -21.48
N SER B 71 42.23 16.53 -20.66
CA SER B 71 43.30 17.48 -20.95
C SER B 71 44.64 17.07 -20.34
N LEU B 72 44.63 16.21 -19.33
CA LEU B 72 45.83 15.74 -18.62
C LEU B 72 46.90 16.82 -18.45
N SER B 76 51.78 8.81 -16.51
CA SER B 76 50.75 9.07 -15.51
C SER B 76 49.38 9.20 -16.14
N MET B 77 49.17 8.44 -17.22
CA MET B 77 47.86 8.44 -17.89
C MET B 77 46.78 7.91 -16.95
N GLU B 78 47.08 6.83 -16.23
CA GLU B 78 46.14 6.25 -15.28
C GLU B 78 46.44 6.65 -13.83
N ALA B 79 47.54 7.36 -13.58
CA ALA B 79 47.82 7.84 -12.23
C ALA B 79 46.72 8.75 -11.70
N ALA B 80 45.97 9.40 -12.59
CA ALA B 80 44.83 10.20 -12.18
C ALA B 80 43.55 9.38 -12.09
N GLN B 81 43.33 8.48 -13.05
CA GLN B 81 42.17 7.59 -12.95
C GLN B 81 42.37 6.50 -11.91
N GLU B 82 43.56 6.39 -11.32
CA GLU B 82 43.70 5.57 -10.13
C GLU B 82 42.81 6.05 -9.00
N LEU B 83 42.33 7.28 -9.08
CA LEU B 83 41.33 7.81 -8.15
C LEU B 83 39.91 7.43 -8.54
N GLU B 84 39.71 6.81 -9.71
CA GLU B 84 38.36 6.40 -10.11
C GLU B 84 37.90 5.20 -9.30
N ASN B 85 38.64 4.08 -9.41
CA ASN B 85 38.33 2.91 -8.60
C ASN B 85 38.45 3.18 -7.10
N GLN B 86 39.03 4.32 -6.71
CA GLN B 86 39.09 4.68 -5.30
C GLN B 86 37.77 5.24 -4.79
N MET B 87 36.99 5.89 -5.66
CA MET B 87 35.68 6.40 -5.26
C MET B 87 34.54 5.65 -5.93
N LYS B 88 34.84 4.61 -6.70
CA LYS B 88 33.76 3.78 -7.24
C LYS B 88 33.29 2.75 -6.22
N GLU B 89 34.23 2.16 -5.47
CA GLU B 89 33.86 1.25 -4.40
C GLU B 89 33.41 2.00 -3.16
N ARG B 90 33.99 3.17 -2.89
CA ARG B 90 33.58 3.95 -1.72
C ARG B 90 32.15 4.45 -1.89
N GLN B 91 31.83 5.02 -3.05
CA GLN B 91 30.44 5.35 -3.34
C GLN B 91 29.56 4.11 -3.28
N GLY B 92 30.12 2.95 -3.61
CA GLY B 92 29.44 1.70 -3.35
C GLY B 92 29.50 1.26 -1.90
N LEU B 93 30.52 1.70 -1.16
CA LEU B 93 30.53 1.47 0.29
C LEU B 93 29.44 2.27 0.96
N PHE B 94 29.20 3.50 0.50
CA PHE B 94 28.08 4.27 1.01
C PHE B 94 26.75 3.57 0.73
N PHE B 95 26.67 2.82 -0.37
CA PHE B 95 25.41 2.15 -0.70
C PHE B 95 25.13 0.99 0.25
N ASP B 96 26.16 0.30 0.74
CA ASP B 96 25.93 -0.73 1.74
C ASP B 96 25.72 -0.13 3.12
N MET B 97 26.29 1.05 3.37
CA MET B 97 25.95 1.81 4.57
C MET B 97 24.47 2.20 4.56
N GLU B 98 24.07 2.97 3.56
CA GLU B 98 22.71 3.47 3.43
C GLU B 98 21.66 2.36 3.36
N ALA B 99 22.08 1.10 3.22
CA ALA B 99 21.15 -0.02 3.13
C ALA B 99 20.59 -0.41 4.49
N TYR B 100 21.22 0.00 5.58
CA TYR B 100 20.72 -0.27 6.92
C TYR B 100 20.12 0.96 7.57
N LEU B 101 20.16 2.11 6.91
CA LEU B 101 19.52 3.36 7.30
C LEU B 101 18.13 3.47 6.68
N PRO B 102 17.16 4.00 7.41
CA PRO B 102 15.83 4.19 6.82
C PRO B 102 15.87 5.26 5.74
N LYS B 103 15.37 4.91 4.56
CA LYS B 103 15.24 5.85 3.46
C LYS B 103 13.98 6.67 3.64
N LYS B 104 13.60 7.41 2.61
CA LYS B 104 12.33 8.12 2.58
C LYS B 104 11.58 7.72 1.32
N ASN B 105 10.26 7.56 1.45
CA ASN B 105 9.45 7.06 0.35
C ASN B 105 9.58 7.98 -0.87
N GLY B 106 9.41 7.39 -2.04
CA GLY B 106 9.36 8.15 -3.27
C GLY B 106 8.01 8.81 -3.45
N LEU B 107 7.84 9.42 -4.63
CA LEU B 107 6.58 10.10 -4.92
C LEU B 107 5.40 9.14 -4.94
N TYR B 108 5.65 7.86 -5.24
CA TYR B 108 4.55 6.92 -5.36
C TYR B 108 4.17 6.33 -4.01
N LEU B 109 5.15 5.95 -3.19
CA LEU B 109 4.83 5.38 -1.89
C LEU B 109 4.28 6.43 -0.93
N SER B 110 4.76 7.68 -1.03
CA SER B 110 4.19 8.74 -0.22
C SER B 110 2.74 9.01 -0.60
N LEU B 111 2.37 8.75 -1.84
CA LEU B 111 0.97 8.84 -2.24
C LEU B 111 0.15 7.72 -1.61
N VAL B 112 0.54 6.47 -1.87
CA VAL B 112 -0.27 5.34 -1.46
C VAL B 112 -0.23 5.15 0.04
N LEU B 113 0.97 5.12 0.62
CA LEU B 113 1.13 4.75 2.03
C LEU B 113 1.24 5.94 2.96
N GLY B 114 1.72 7.08 2.48
CA GLY B 114 2.02 8.18 3.36
C GLY B 114 3.50 8.20 3.68
N ASN B 115 3.88 8.70 4.85
CA ASN B 115 5.28 8.80 5.24
C ASN B 115 5.64 7.78 6.31
N VAL B 116 5.08 6.57 6.20
CA VAL B 116 5.58 5.47 7.00
C VAL B 116 6.92 5.02 6.45
N ASN B 117 7.67 4.28 7.28
CA ASN B 117 8.94 3.72 6.87
C ASN B 117 8.72 2.28 6.42
N VAL B 118 9.24 1.96 5.24
CA VAL B 118 9.05 0.65 4.63
C VAL B 118 10.36 -0.07 4.35
N THR B 119 11.48 0.49 4.79
CA THR B 119 12.77 -0.13 4.54
C THR B 119 13.06 -1.17 5.62
N LEU B 120 13.39 -2.38 5.18
CA LEU B 120 13.80 -3.44 6.09
C LEU B 120 15.27 -3.24 6.43
N LEU B 121 15.56 -3.07 7.71
CA LEU B 121 16.88 -2.66 8.16
C LEU B 121 17.82 -3.83 8.41
N SER B 122 17.55 -4.98 7.81
CA SER B 122 18.39 -6.16 7.93
C SER B 122 18.70 -6.68 6.53
N LYS B 123 19.69 -7.56 6.44
CA LYS B 123 19.91 -8.28 5.19
C LYS B 123 19.05 -9.54 5.10
N GLN B 124 18.71 -10.13 6.25
CA GLN B 124 17.77 -11.23 6.27
C GLN B 124 16.33 -10.77 6.09
N ALA B 125 16.04 -9.50 6.36
CA ALA B 125 14.69 -8.98 6.21
C ALA B 125 14.39 -8.53 4.80
N LYS B 126 15.41 -8.05 4.08
CA LYS B 126 15.23 -7.77 2.66
C LYS B 126 15.05 -9.06 1.87
N PHE B 127 15.78 -10.12 2.26
CA PHE B 127 15.58 -11.43 1.66
C PHE B 127 14.18 -11.94 1.95
N ALA B 128 13.83 -12.04 3.23
CA ALA B 128 12.53 -12.58 3.62
C ALA B 128 11.37 -11.80 3.02
N TYR B 129 11.58 -10.54 2.66
CA TYR B 129 10.54 -9.77 2.00
C TYR B 129 10.52 -9.99 0.50
N LYS B 130 11.69 -10.19 -0.12
CA LYS B 130 11.72 -10.50 -1.54
C LYS B 130 11.32 -11.94 -1.82
N ASP B 131 11.43 -12.83 -0.82
CA ASP B 131 10.88 -14.17 -0.97
C ASP B 131 9.37 -14.15 -0.87
N GLU B 132 8.84 -13.41 0.11
CA GLU B 132 7.40 -13.21 0.22
C GLU B 132 6.83 -12.55 -1.03
N TYR B 133 7.64 -11.75 -1.72
CA TYR B 133 7.16 -11.07 -2.92
C TYR B 133 7.09 -12.02 -4.11
N GLU B 134 8.04 -12.94 -4.22
CA GLU B 134 8.00 -13.93 -5.30
C GLU B 134 6.90 -14.96 -5.06
N LYS B 135 6.67 -15.33 -3.80
CA LYS B 135 5.57 -16.22 -3.49
C LYS B 135 4.23 -15.54 -3.73
N PHE B 136 4.14 -14.23 -3.49
CA PHE B 136 2.91 -13.50 -3.75
C PHE B 136 2.55 -13.57 -5.24
N LYS B 137 3.51 -13.26 -6.11
CA LYS B 137 3.27 -13.32 -7.55
C LYS B 137 2.94 -14.73 -8.01
N LEU B 138 3.37 -15.76 -7.26
CA LEU B 138 3.06 -17.14 -7.64
C LEU B 138 1.65 -17.52 -7.20
N TYR B 139 1.24 -17.10 -6.01
CA TYR B 139 -0.08 -17.47 -5.52
C TYR B 139 -1.17 -16.77 -6.32
N LEU B 140 -0.95 -15.52 -6.71
CA LEU B 140 -1.89 -14.83 -7.58
C LEU B 140 -1.77 -15.26 -9.03
N THR B 141 -0.70 -15.97 -9.38
CA THR B 141 -0.61 -16.57 -10.70
C THR B 141 -1.44 -17.84 -10.79
N ILE B 142 -1.60 -18.56 -9.68
CA ILE B 142 -2.49 -19.72 -9.67
C ILE B 142 -3.95 -19.29 -9.68
N ILE B 143 -4.25 -18.07 -9.24
CA ILE B 143 -5.61 -17.55 -9.32
C ILE B 143 -5.88 -16.93 -10.68
N LEU B 144 -4.91 -16.17 -11.21
CA LEU B 144 -5.06 -15.55 -12.52
C LEU B 144 -4.98 -16.55 -13.66
N ILE B 145 -4.60 -17.80 -13.39
CA ILE B 145 -4.63 -18.85 -14.42
C ILE B 145 -5.82 -19.77 -14.25
N VAL B 146 -6.46 -19.78 -13.09
CA VAL B 146 -7.71 -20.51 -12.92
C VAL B 146 -8.92 -19.64 -13.28
N ILE B 147 -8.85 -18.34 -12.99
CA ILE B 147 -9.95 -17.45 -13.32
C ILE B 147 -9.91 -17.08 -14.81
N SER B 148 -8.73 -17.08 -15.42
CA SER B 148 -8.62 -16.79 -16.84
C SER B 148 -8.79 -18.02 -17.71
N PHE B 149 -8.89 -19.20 -17.12
CA PHE B 149 -9.19 -20.39 -17.88
C PHE B 149 -10.69 -20.64 -17.97
N THR B 150 -11.42 -20.48 -16.86
CA THR B 150 -12.87 -20.52 -16.93
C THR B 150 -13.40 -19.44 -17.85
N CYS B 151 -12.91 -18.21 -17.68
CA CYS B 151 -13.29 -17.10 -18.55
C CYS B 151 -13.08 -17.45 -20.01
N ARG B 152 -11.95 -18.07 -20.32
CA ARG B 152 -11.62 -18.34 -21.72
C ARG B 152 -12.40 -19.53 -22.27
N PHE B 153 -12.49 -20.61 -21.52
CA PHE B 153 -13.08 -21.85 -22.01
C PHE B 153 -14.41 -22.20 -21.38
N LEU B 154 -14.58 -21.96 -20.08
CA LEU B 154 -15.77 -22.47 -19.38
C LEU B 154 -16.96 -21.53 -19.44
N LEU B 155 -16.72 -20.22 -19.34
CA LEU B 155 -17.81 -19.25 -19.22
C LEU B 155 -17.60 -18.11 -20.21
N ASN B 156 -18.50 -18.01 -21.18
CA ASN B 156 -18.51 -16.87 -22.12
C ASN B 156 -19.48 -15.81 -21.58
N SER B 157 -19.05 -15.19 -20.49
CA SER B 157 -19.86 -14.20 -19.79
C SER B 157 -19.17 -12.85 -19.85
N ARG B 158 -19.78 -11.86 -19.19
CA ARG B 158 -19.22 -10.53 -19.06
C ARG B 158 -19.05 -10.09 -17.63
N VAL B 159 -19.86 -10.61 -16.69
CA VAL B 159 -19.64 -10.31 -15.28
C VAL B 159 -18.43 -11.05 -14.75
N THR B 160 -18.11 -12.21 -15.33
CA THR B 160 -16.92 -12.94 -14.95
C THR B 160 -15.67 -12.45 -15.67
N ASP B 161 -15.84 -11.87 -16.87
CA ASP B 161 -14.71 -11.26 -17.55
C ASP B 161 -14.32 -9.95 -16.90
N ALA B 162 -15.30 -9.21 -16.36
CA ALA B 162 -15.00 -7.99 -15.64
C ALA B 162 -14.46 -8.26 -14.25
N ALA B 163 -14.74 -9.42 -13.69
CA ALA B 163 -14.12 -9.83 -12.43
C ALA B 163 -12.68 -10.27 -12.63
N PHE B 164 -12.32 -10.69 -13.85
CA PHE B 164 -10.93 -11.02 -14.13
C PHE B 164 -10.09 -9.77 -14.32
N ASN B 165 -10.64 -8.75 -14.98
CA ASN B 165 -9.91 -7.50 -15.14
C ASN B 165 -9.81 -6.72 -13.84
N PHE B 166 -10.74 -6.91 -12.90
CA PHE B 166 -10.62 -6.27 -11.60
C PHE B 166 -9.57 -6.93 -10.74
N LEU B 167 -9.36 -8.24 -10.90
CA LEU B 167 -8.23 -8.89 -10.27
C LEU B 167 -6.93 -8.46 -10.92
N LEU B 168 -6.92 -8.42 -12.26
CA LEU B 168 -5.72 -7.99 -12.98
C LEU B 168 -5.34 -6.57 -12.59
N VAL B 169 -6.31 -5.69 -12.41
CA VAL B 169 -6.01 -4.33 -11.96
C VAL B 169 -5.46 -4.35 -10.54
N TRP B 170 -6.13 -5.08 -9.65
CA TRP B 170 -5.68 -5.14 -8.26
C TRP B 170 -4.34 -5.85 -8.12
N TYR B 171 -4.08 -6.84 -8.99
CA TYR B 171 -2.83 -7.56 -8.93
C TYR B 171 -1.66 -6.72 -9.42
N TYR B 172 -1.88 -5.90 -10.45
CA TYR B 172 -0.83 -5.02 -10.95
C TYR B 172 -0.66 -3.77 -10.11
N CYS B 173 -1.69 -3.36 -9.37
CA CYS B 173 -1.54 -2.25 -8.44
C CYS B 173 -0.81 -2.68 -7.17
N THR B 174 -0.99 -3.93 -6.76
CA THR B 174 -0.25 -4.47 -5.62
C THR B 174 1.20 -4.75 -5.97
N LEU B 175 1.50 -4.96 -7.26
CA LEU B 175 2.89 -5.13 -7.67
C LEU B 175 3.64 -3.81 -7.63
N THR B 176 3.02 -2.73 -8.12
CA THR B 176 3.67 -1.43 -8.08
C THR B 176 4.00 -1.02 -6.65
N ILE B 177 3.15 -1.37 -5.70
CA ILE B 177 3.42 -1.07 -4.30
C ILE B 177 4.56 -1.94 -3.78
N ARG B 178 4.52 -3.23 -4.10
CA ARG B 178 5.55 -4.14 -3.60
C ARG B 178 6.88 -3.99 -4.33
N GLU B 179 6.84 -3.58 -5.61
CA GLU B 179 8.08 -3.28 -6.32
C GLU B 179 8.64 -1.92 -5.95
N SER B 180 7.84 -1.06 -5.34
CA SER B 180 8.33 0.21 -4.82
C SER B 180 8.92 0.07 -3.42
N ILE B 181 8.46 -0.92 -2.67
CA ILE B 181 9.09 -1.21 -1.38
C ILE B 181 10.38 -1.98 -1.59
N LEU B 182 10.48 -2.75 -2.68
CA LEU B 182 11.74 -3.39 -3.02
C LEU B 182 12.76 -2.38 -3.49
N ILE B 183 12.32 -1.39 -4.27
CA ILE B 183 13.23 -0.47 -4.94
C ILE B 183 13.99 0.38 -3.94
N ASN B 184 13.37 0.78 -2.84
CA ASN B 184 14.08 1.57 -1.85
C ASN B 184 14.78 0.71 -0.82
N ASN B 185 14.43 -0.56 -0.70
CA ASN B 185 15.21 -1.51 0.10
C ASN B 185 16.20 -2.27 -0.76
N GLY B 186 16.96 -1.56 -1.59
CA GLY B 186 18.17 -2.10 -2.20
C GLY B 186 18.02 -2.92 -3.46
N SER B 187 16.88 -2.87 -4.15
CA SER B 187 16.67 -3.70 -5.33
C SER B 187 16.99 -2.92 -6.60
N ARG B 188 17.70 -3.57 -7.51
CA ARG B 188 18.11 -2.98 -8.78
C ARG B 188 17.12 -3.29 -9.90
N ILE B 189 15.83 -3.03 -9.67
CA ILE B 189 14.82 -3.30 -10.67
C ILE B 189 14.91 -2.24 -11.76
N LYS B 190 15.13 -2.69 -13.00
CA LYS B 190 15.24 -1.75 -14.12
C LYS B 190 13.95 -0.95 -14.26
N GLY B 191 14.11 0.29 -14.73
CA GLY B 191 12.99 1.22 -14.77
C GLY B 191 11.78 0.71 -15.52
N TRP B 192 11.99 -0.14 -16.53
CA TRP B 192 10.87 -0.60 -17.35
C TRP B 192 9.95 -1.52 -16.55
N TRP B 193 10.52 -2.50 -15.85
CA TRP B 193 9.70 -3.50 -15.18
C TRP B 193 8.71 -2.89 -14.20
N VAL B 194 9.07 -1.76 -13.59
CA VAL B 194 8.14 -1.08 -12.71
C VAL B 194 7.14 -0.25 -13.50
N PHE B 195 7.47 0.12 -14.74
CA PHE B 195 6.51 0.84 -15.57
C PHE B 195 5.59 -0.11 -16.32
N ALA B 196 6.07 -1.29 -16.69
CA ALA B 196 5.23 -2.27 -17.37
C ALA B 196 4.02 -2.67 -16.53
N ALA B 197 4.06 -2.41 -15.23
CA ALA B 197 2.91 -2.67 -14.37
C ALA B 197 1.89 -1.55 -14.41
N TYR B 198 2.32 -0.30 -14.55
CA TYR B 198 1.37 0.78 -14.77
C TYR B 198 0.72 0.68 -16.14
N VAL B 199 1.46 0.20 -17.14
CA VAL B 199 0.89 0.04 -18.47
C VAL B 199 -0.13 -1.09 -18.49
N SER B 200 0.11 -2.14 -17.70
CA SER B 200 -0.80 -3.27 -17.69
C SER B 200 -2.04 -2.99 -16.85
N THR B 201 -1.91 -2.21 -15.78
CA THR B 201 -3.09 -1.76 -15.04
C THR B 201 -3.98 -0.91 -15.93
N PHE B 202 -3.38 -0.01 -16.71
CA PHE B 202 -4.15 0.81 -17.63
C PHE B 202 -4.81 -0.05 -18.70
N LEU B 203 -4.04 -0.95 -19.30
CA LEU B 203 -4.56 -1.80 -20.37
C LEU B 203 -5.72 -2.66 -19.87
N SER B 204 -5.66 -3.13 -18.62
CA SER B 204 -6.76 -3.87 -18.04
C SER B 204 -7.82 -2.96 -17.44
N GLY B 205 -7.53 -1.68 -17.26
CA GLY B 205 -8.56 -0.74 -16.84
C GLY B 205 -9.50 -0.38 -17.96
N VAL B 206 -8.94 -0.08 -19.14
CA VAL B 206 -9.72 0.22 -20.33
C VAL B 206 -10.38 -1.05 -20.85
N MET B 207 -10.06 -2.19 -20.24
CA MET B 207 -10.70 -3.45 -20.57
C MET B 207 -12.02 -3.64 -19.84
N LEU B 208 -12.23 -2.91 -18.74
CA LEU B 208 -13.51 -2.95 -18.03
C LEU B 208 -14.52 -2.01 -18.69
N THR B 209 -14.07 -0.84 -19.11
CA THR B 209 -14.94 0.13 -19.78
C THR B 209 -15.36 -0.32 -21.16
N TRP B 210 -14.80 -1.39 -21.69
CA TRP B 210 -15.11 -1.88 -23.02
C TRP B 210 -16.50 -2.50 -23.05
N PRO B 211 -17.48 -1.89 -23.71
CA PRO B 211 -18.84 -2.45 -23.70
C PRO B 211 -18.89 -3.76 -24.47
N ASP B 212 -19.50 -4.78 -23.86
CA ASP B 212 -19.74 -6.03 -24.55
C ASP B 212 -20.47 -5.77 -25.86
N GLY B 213 -19.91 -6.28 -26.95
CA GLY B 213 -20.44 -6.03 -28.26
C GLY B 213 -19.86 -6.97 -29.30
N LEU B 214 -19.53 -6.43 -30.47
CA LEU B 214 -19.00 -7.23 -31.57
C LEU B 214 -17.48 -7.20 -31.63
N MET B 215 -16.85 -6.10 -31.24
CA MET B 215 -15.39 -6.07 -31.21
C MET B 215 -14.83 -6.75 -29.98
N TYR B 216 -15.57 -6.70 -28.86
CA TYR B 216 -15.10 -7.35 -27.64
C TYR B 216 -15.06 -8.85 -27.81
N GLN B 217 -16.09 -9.44 -28.43
CA GLN B 217 -16.10 -10.88 -28.65
C GLN B 217 -15.12 -11.33 -29.72
N LYS B 218 -14.53 -10.40 -30.47
CA LYS B 218 -13.50 -10.75 -31.44
C LYS B 218 -12.09 -10.63 -30.88
N PHE B 219 -11.92 -9.91 -29.78
CA PHE B 219 -10.65 -9.86 -29.07
C PHE B 219 -10.68 -10.57 -27.73
N ARG B 220 -11.85 -11.06 -27.30
CA ARG B 220 -11.96 -11.71 -26.01
C ARG B 220 -11.06 -12.94 -25.93
N ASN B 221 -11.07 -13.76 -26.98
CA ASN B 221 -10.32 -15.01 -26.95
C ASN B 221 -8.82 -14.76 -26.99
N GLN B 222 -8.38 -13.69 -27.67
CA GLN B 222 -6.96 -13.37 -27.74
C GLN B 222 -6.44 -12.89 -26.40
N PHE B 223 -7.09 -11.88 -25.83
CA PHE B 223 -6.64 -11.34 -24.54
C PHE B 223 -6.68 -12.40 -23.45
N LEU B 224 -7.73 -13.22 -23.41
CA LEU B 224 -7.87 -14.17 -22.32
C LEU B 224 -6.84 -15.28 -22.41
N SER B 225 -6.58 -15.78 -23.61
CA SER B 225 -5.60 -16.84 -23.77
C SER B 225 -4.16 -16.32 -23.73
N PHE B 226 -3.96 -15.01 -23.82
CA PHE B 226 -2.63 -14.46 -23.60
C PHE B 226 -2.34 -14.30 -22.12
N SER B 227 -3.25 -13.67 -21.39
CA SER B 227 -3.09 -13.53 -19.96
C SER B 227 -3.23 -14.86 -19.23
N MET B 228 -3.58 -15.93 -19.93
CA MET B 228 -3.44 -17.28 -19.41
C MET B 228 -2.07 -17.85 -19.72
N TYR B 229 -1.46 -17.42 -20.83
CA TYR B 229 -0.08 -17.76 -21.11
C TYR B 229 0.87 -16.92 -20.25
N GLN B 230 0.59 -15.62 -20.13
CA GLN B 230 1.42 -14.74 -19.31
C GLN B 230 1.45 -15.19 -17.86
N SER B 231 0.47 -15.96 -17.41
CA SER B 231 0.56 -16.54 -16.07
C SER B 231 1.39 -17.81 -16.07
N PHE B 232 1.37 -18.58 -17.16
CA PHE B 232 2.19 -19.78 -17.22
C PHE B 232 3.67 -19.42 -17.25
N VAL B 233 4.04 -18.34 -17.93
CA VAL B 233 5.43 -17.92 -17.95
C VAL B 233 5.85 -17.32 -16.62
N GLN B 234 4.90 -16.90 -15.78
CA GLN B 234 5.22 -16.48 -14.43
C GLN B 234 5.40 -17.66 -13.48
N PHE B 235 5.12 -18.88 -13.93
CA PHE B 235 5.56 -20.05 -13.19
C PHE B 235 7.03 -20.35 -13.42
N LEU B 236 7.51 -20.09 -14.63
CA LEU B 236 8.93 -20.26 -14.92
C LEU B 236 9.75 -19.09 -14.40
N GLN B 237 9.18 -17.88 -14.42
CA GLN B 237 9.87 -16.74 -13.81
C GLN B 237 10.06 -16.96 -12.32
N TYR B 238 9.05 -17.52 -11.64
CA TYR B 238 9.16 -17.77 -10.21
C TYR B 238 10.31 -18.74 -9.92
N TYR B 239 10.34 -19.87 -10.62
CA TYR B 239 11.33 -20.89 -10.28
C TYR B 239 12.74 -20.43 -10.65
N TYR B 240 12.86 -19.53 -11.62
CA TYR B 240 14.15 -18.90 -11.90
C TYR B 240 14.44 -17.80 -10.90
N GLN B 241 13.49 -16.90 -10.68
CA GLN B 241 13.72 -15.76 -9.80
C GLN B 241 13.97 -16.21 -8.37
N SER B 242 13.19 -17.18 -7.89
CA SER B 242 13.38 -17.71 -6.55
C SER B 242 14.57 -18.64 -6.45
N GLY B 243 15.06 -19.14 -7.58
CA GLY B 243 16.27 -19.94 -7.57
C GLY B 243 17.49 -19.06 -7.65
N CYS B 244 17.30 -17.84 -8.15
CA CYS B 244 18.40 -16.88 -8.22
C CYS B 244 18.61 -16.12 -6.92
N LEU B 245 17.58 -16.00 -6.08
CA LEU B 245 17.73 -15.34 -4.79
C LEU B 245 18.00 -16.30 -3.65
N TYR B 246 17.68 -17.59 -3.81
CA TYR B 246 18.07 -18.60 -2.84
C TYR B 246 19.47 -19.15 -3.09
N ARG B 247 20.05 -18.89 -4.26
CA ARG B 247 21.43 -19.24 -4.53
C ARG B 247 22.38 -18.07 -4.39
N LEU B 248 21.91 -16.84 -4.62
CA LEU B 248 22.76 -15.68 -4.40
C LEU B 248 23.03 -15.47 -2.92
N ARG B 249 22.10 -15.90 -2.05
CA ARG B 249 22.35 -15.86 -0.62
C ARG B 249 23.54 -16.74 -0.25
N ALA B 250 23.57 -17.96 -0.75
CA ALA B 250 24.67 -18.88 -0.48
C ALA B 250 25.64 -18.95 -1.64
N GLU B 262 30.79 -18.72 -10.58
CA GLU B 262 31.13 -19.87 -11.40
C GLU B 262 29.97 -20.82 -11.60
N GLY B 263 29.69 -21.61 -10.56
CA GLY B 263 28.56 -22.53 -10.61
C GLY B 263 27.22 -21.82 -10.50
N PHE B 264 27.21 -20.55 -10.09
CA PHE B 264 25.97 -19.78 -10.11
C PHE B 264 25.68 -19.18 -11.48
N GLN B 265 26.70 -19.02 -12.31
CA GLN B 265 26.48 -18.61 -13.70
C GLN B 265 26.15 -19.80 -14.60
N SER B 266 26.35 -21.02 -14.11
CA SER B 266 25.90 -22.20 -14.86
C SER B 266 24.42 -22.44 -14.65
N TRP B 267 23.87 -22.02 -13.51
CA TRP B 267 22.42 -22.05 -13.31
C TRP B 267 21.77 -20.84 -13.96
N MET B 268 22.36 -19.66 -13.77
CA MET B 268 21.77 -18.43 -14.30
C MET B 268 21.70 -18.47 -15.82
N TRP B 269 22.71 -19.07 -16.47
CA TRP B 269 22.70 -19.24 -17.90
C TRP B 269 22.03 -20.53 -18.33
N ARG B 270 21.30 -21.17 -17.43
CA ARG B 270 20.46 -22.32 -17.76
C ARG B 270 18.99 -22.02 -17.53
N GLY B 271 18.65 -21.39 -16.41
CA GLY B 271 17.31 -20.89 -16.23
C GLY B 271 16.95 -19.80 -17.22
N LEU B 272 17.95 -19.04 -17.68
CA LEU B 272 17.71 -18.00 -18.68
C LEU B 272 17.52 -18.61 -20.06
N THR B 273 18.31 -19.63 -20.40
CA THR B 273 18.17 -20.28 -21.70
C THR B 273 16.80 -20.92 -21.84
N PHE B 274 16.24 -21.43 -20.74
CA PHE B 274 14.92 -22.03 -20.75
C PHE B 274 13.82 -21.03 -20.41
N LEU B 275 14.15 -19.74 -20.30
CA LEU B 275 13.18 -18.68 -20.07
C LEU B 275 13.00 -17.76 -21.26
N LEU B 276 14.07 -17.46 -21.98
CA LEU B 276 13.99 -16.53 -23.10
C LEU B 276 13.00 -16.98 -24.18
N PRO B 277 12.99 -18.24 -24.64
CA PRO B 277 11.98 -18.63 -25.63
C PRO B 277 10.55 -18.38 -25.17
N PHE B 278 10.29 -18.57 -23.88
CA PHE B 278 8.96 -18.30 -23.34
C PHE B 278 8.74 -16.82 -23.05
N LEU B 279 9.79 -16.02 -23.01
CA LEU B 279 9.63 -14.58 -22.90
C LEU B 279 9.42 -13.94 -24.26
N PHE B 280 10.09 -14.44 -25.29
CA PHE B 280 9.97 -13.89 -26.62
C PHE B 280 8.74 -14.39 -27.37
N PHE B 281 8.23 -15.57 -27.01
CA PHE B 281 6.91 -15.96 -27.47
C PHE B 281 5.82 -15.12 -26.82
N GLY B 282 6.10 -14.53 -25.67
CA GLY B 282 5.15 -13.66 -25.01
C GLY B 282 5.26 -12.23 -25.50
N HIS B 283 6.48 -11.80 -25.83
CA HIS B 283 6.66 -10.46 -26.36
C HIS B 283 6.11 -10.35 -27.77
N PHE B 284 6.15 -11.43 -28.54
CA PHE B 284 5.60 -11.43 -29.89
C PHE B 284 4.14 -11.82 -29.93
N TRP B 285 3.57 -12.16 -28.78
CA TRP B 285 2.12 -12.25 -28.64
C TRP B 285 1.51 -10.91 -28.28
N GLN B 286 2.24 -10.08 -27.53
CA GLN B 286 1.82 -8.71 -27.31
C GLN B 286 1.88 -7.90 -28.59
N LEU B 287 2.90 -8.13 -29.42
CA LEU B 287 2.94 -7.50 -30.73
C LEU B 287 1.75 -7.95 -31.58
N PHE B 288 1.45 -9.25 -31.57
CA PHE B 288 0.32 -9.76 -32.32
C PHE B 288 -0.99 -9.24 -31.74
N ASN B 289 -1.06 -9.09 -30.42
CA ASN B 289 -2.25 -8.53 -29.79
C ASN B 289 -2.42 -7.05 -30.10
N ALA B 290 -1.34 -6.35 -30.45
CA ALA B 290 -1.45 -4.94 -30.79
C ALA B 290 -1.92 -4.76 -32.22
N LEU B 291 -1.29 -5.46 -33.16
CA LEU B 291 -1.69 -5.36 -34.56
C LEU B 291 -3.13 -5.78 -34.78
N THR B 292 -3.63 -6.70 -33.97
CA THR B 292 -5.04 -7.08 -34.04
C THR B 292 -5.94 -5.89 -33.73
N LEU B 293 -5.71 -5.26 -32.58
CA LEU B 293 -6.48 -4.08 -32.21
C LEU B 293 -6.27 -2.91 -33.17
N PHE B 294 -5.28 -2.98 -34.05
CA PHE B 294 -5.15 -1.99 -35.11
C PHE B 294 -5.90 -2.40 -36.37
N ASN B 295 -6.14 -3.70 -36.56
CA ASN B 295 -6.98 -4.18 -37.64
C ASN B 295 -8.44 -4.29 -37.24
N LEU B 296 -8.73 -4.30 -35.94
CA LEU B 296 -10.10 -4.19 -35.46
C LEU B 296 -10.60 -2.75 -35.51
N ALA B 297 -9.70 -1.78 -35.56
CA ALA B 297 -10.10 -0.38 -35.65
C ALA B 297 -10.54 -0.02 -37.06
N ARG B 298 -9.76 -0.44 -38.06
CA ARG B 298 -10.09 -0.12 -39.45
C ARG B 298 -11.40 -0.74 -39.91
N ASP B 299 -12.03 -1.57 -39.10
CA ASP B 299 -13.29 -2.21 -39.45
C ASP B 299 -14.46 -1.29 -39.14
N PRO B 300 -15.40 -1.11 -40.06
CA PRO B 300 -16.52 -0.19 -39.80
C PRO B 300 -17.37 -0.59 -38.61
N GLU B 301 -17.54 -1.89 -38.35
CA GLU B 301 -18.37 -2.35 -37.24
C GLU B 301 -17.76 -1.98 -35.88
N CYS B 302 -16.61 -1.32 -35.89
CA CYS B 302 -15.99 -0.85 -34.67
C CYS B 302 -16.51 0.52 -34.31
N LYS B 303 -16.88 0.70 -33.05
CA LYS B 303 -17.40 1.98 -32.58
C LYS B 303 -16.84 2.38 -31.21
N GLU B 304 -15.75 1.75 -30.76
CA GLU B 304 -15.28 1.92 -29.40
C GLU B 304 -13.82 2.36 -29.42
N TRP B 305 -13.52 3.43 -28.67
CA TRP B 305 -12.14 3.87 -28.52
C TRP B 305 -11.28 2.82 -27.83
N GLN B 306 -11.90 1.91 -27.06
CA GLN B 306 -11.14 0.90 -26.35
C GLN B 306 -10.41 -0.06 -27.28
N VAL B 307 -10.79 -0.09 -28.56
CA VAL B 307 -10.05 -0.91 -29.50
C VAL B 307 -8.66 -0.31 -29.74
N LEU B 308 -8.60 0.99 -29.97
CA LEU B 308 -7.31 1.63 -30.21
C LEU B 308 -6.50 1.77 -28.93
N MET B 309 -7.16 2.11 -27.83
CA MET B 309 -6.46 2.37 -26.57
C MET B 309 -6.03 1.10 -25.85
N CYS B 310 -6.26 -0.07 -26.44
CA CYS B 310 -5.59 -1.29 -26.00
C CYS B 310 -4.45 -1.69 -26.92
N GLY B 311 -4.54 -1.36 -28.21
CA GLY B 311 -3.48 -1.67 -29.13
C GLY B 311 -2.19 -0.92 -28.88
N PHE B 312 -2.28 0.23 -28.21
CA PHE B 312 -1.10 1.00 -27.87
C PHE B 312 -0.39 0.42 -26.65
N PRO B 313 -1.11 0.10 -25.55
CA PRO B 313 -0.44 -0.61 -24.46
C PRO B 313 0.21 -1.92 -24.89
N PHE B 314 -0.47 -2.71 -25.71
CA PHE B 314 0.14 -3.91 -26.25
C PHE B 314 1.32 -3.59 -27.16
N LEU B 315 1.39 -2.37 -27.70
CA LEU B 315 2.53 -1.95 -28.48
C LEU B 315 3.64 -1.37 -27.62
N LEU B 316 3.28 -0.71 -26.52
CA LEU B 316 4.28 -0.33 -25.51
C LEU B 316 4.88 -1.57 -24.86
N LEU B 317 4.03 -2.43 -24.31
CA LEU B 317 4.49 -3.63 -23.62
C LEU B 317 5.32 -4.53 -24.52
N PHE B 318 5.18 -4.43 -25.85
CA PHE B 318 6.07 -5.18 -26.72
C PHE B 318 7.45 -4.53 -26.75
N LEU B 319 7.53 -3.29 -27.23
CA LEU B 319 8.82 -2.63 -27.38
C LEU B 319 9.52 -2.45 -26.04
N GLY B 320 8.75 -2.26 -24.97
CA GLY B 320 9.37 -2.10 -23.66
C GLY B 320 9.93 -3.40 -23.12
N ASN B 321 9.13 -4.47 -23.17
CA ASN B 321 9.59 -5.75 -22.64
C ASN B 321 10.67 -6.35 -23.52
N PHE B 322 10.45 -6.36 -24.84
CA PHE B 322 11.40 -7.00 -25.74
C PHE B 322 12.76 -6.32 -25.70
N PHE B 323 12.79 -5.01 -25.91
CA PHE B 323 14.06 -4.29 -25.95
C PHE B 323 14.68 -4.10 -24.59
N THR B 324 14.08 -4.63 -23.53
CA THR B 324 14.69 -4.68 -22.21
C THR B 324 15.19 -6.06 -21.85
N THR B 325 14.44 -7.11 -22.18
CA THR B 325 14.95 -8.47 -22.03
C THR B 325 16.19 -8.68 -22.88
N LEU B 326 16.24 -8.05 -24.06
CA LEU B 326 17.47 -8.10 -24.85
C LEU B 326 18.60 -7.36 -24.16
N ARG B 327 18.27 -6.25 -23.50
CA ARG B 327 19.27 -5.51 -22.74
C ARG B 327 19.81 -6.34 -21.57
N VAL B 328 18.91 -7.00 -20.84
CA VAL B 328 19.32 -7.82 -19.71
C VAL B 328 20.26 -8.94 -20.17
N VAL B 329 20.01 -9.50 -21.34
CA VAL B 329 20.92 -10.52 -21.87
C VAL B 329 22.16 -9.89 -22.48
N HIS B 330 22.10 -8.63 -22.89
CA HIS B 330 23.28 -7.95 -23.40
C HIS B 330 24.25 -7.55 -22.30
N GLN B 331 23.76 -7.39 -21.07
CA GLN B 331 24.65 -7.13 -19.94
C GLN B 331 25.15 -8.40 -19.28
N LYS B 332 24.34 -9.46 -19.29
CA LYS B 332 24.79 -10.75 -18.75
C LYS B 332 25.75 -11.48 -19.69
N PHE B 333 25.70 -11.18 -20.99
CA PHE B 333 26.65 -11.79 -21.91
C PHE B 333 28.07 -11.28 -21.64
N HIS B 334 28.19 -9.99 -21.31
CA HIS B 334 29.52 -9.42 -21.08
C HIS B 334 30.08 -9.84 -19.73
N SER B 335 29.23 -9.99 -18.72
CA SER B 335 29.68 -10.35 -17.39
C SER B 335 30.00 -11.84 -17.30
N1A COA C . -13.06 7.45 8.96
C2A COA C . -11.85 7.35 9.47
N3A COA C . -11.64 7.67 10.80
C4A COA C . -12.64 8.08 11.56
C5A COA C . -13.87 8.18 11.05
C6A COA C . -14.08 7.86 9.73
N6A COA C . -15.27 7.85 8.85
N7A COA C . -14.69 8.61 12.01
C8A COA C . -13.98 8.77 13.12
N9A COA C . -12.71 8.45 12.83
C1B COA C . -11.47 8.40 13.58
C2B COA C . -11.45 9.35 14.54
O2B COA C . -10.64 10.49 14.10
C3B COA C . -10.80 8.66 15.73
O3B COA C . -9.47 8.64 15.52
P3B COA C . -8.42 8.60 16.81
O7A COA C . -7.35 7.53 16.55
O8A COA C . -9.18 8.27 18.08
O9A COA C . -7.75 9.95 16.96
C4B COA C . -11.37 7.19 15.62
O4B COA C . -11.34 6.97 14.33
C5B COA C . -12.80 7.10 16.11
O5B COA C . -13.17 8.21 16.91
P1A COA C . -14.82 8.49 17.11
O1A COA C . -15.06 9.20 18.42
O2A COA C . -15.54 7.17 17.13
O3A COA C . -15.39 9.38 15.87
P2A COA C . -15.32 11.02 15.77
O4A COA C . -15.20 11.64 17.16
O5A COA C . -14.11 11.43 14.93
O6A COA C . -16.72 11.58 15.02
CBP COA C . -18.10 11.60 13.00
CCP COA C . -16.70 11.70 13.57
CDP COA C . -19.12 11.67 14.16
CEP COA C . -18.35 12.77 12.03
CAP COA C . -18.26 10.27 12.29
OAP COA C . -19.60 9.86 12.42
C9P COA C . -17.90 10.33 10.82
O9P COA C . -16.82 10.62 10.47
N8P COA C . -18.91 10.00 9.82
C7P COA C . -18.57 10.04 8.37
C6P COA C . -19.52 9.17 7.61
C5P COA C . -19.99 9.92 6.32
O5P COA C . -19.20 10.35 5.56
N4P COA C . -21.42 10.09 6.06
C3P COA C . -21.87 10.81 4.84
C2P COA C . -21.96 9.86 3.67
S1P COA C . -22.62 10.75 2.26
N1A COA D . 10.04 -7.64 -12.13
C2A COA D . 10.47 -7.44 -10.91
N3A COA D . 11.81 -7.67 -10.61
C4A COA D . 12.65 -8.09 -11.56
C5A COA D . 12.21 -8.29 -12.80
C6A COA D . 10.88 -8.06 -13.09
N6A COA D . 10.06 -8.18 -14.32
N7A COA D . 13.23 -8.70 -13.54
C8A COA D . 14.31 -8.76 -12.77
N9A COA D . 13.94 -8.38 -11.53
C1B COA D . 14.62 -8.21 -10.26
C2B COA D . 15.62 -9.10 -10.15
O2B COA D . 15.21 -10.20 -9.28
C3B COA D . 16.74 -8.30 -9.48
O3B COA D . 16.47 -8.21 -8.16
P3B COA D . 17.69 -8.03 -7.07
O7A COA D . 17.33 -6.92 -6.08
O8A COA D . 18.97 -7.67 -7.78
O9A COA D . 17.88 -9.33 -6.30
C4B COA D . 16.57 -6.89 -10.14
O4B COA D . 15.27 -6.73 -10.19
C5B COA D . 17.13 -6.83 -11.55
O5B COA D . 18.01 -7.91 -11.81
P1A COA D . 18.33 -8.27 -13.43
O1A COA D . 19.68 -8.91 -13.56
O2A COA D . 18.30 -7.00 -14.22
O3A COA D . 17.17 -9.27 -14.01
P2A COA D . 17.15 -10.91 -13.84
O4A COA D . 18.59 -11.44 -13.62
O5A COA D . 16.28 -11.29 -12.66
O6A COA D . 16.51 -11.60 -15.24
CBP COA D . 14.57 -11.82 -16.71
CCP COA D . 15.07 -11.81 -15.28
CDP COA D . 15.77 -11.88 -17.67
CEP COA D . 13.69 -13.07 -16.93
CAP COA D . 13.80 -10.55 -16.97
OAP COA D . 13.97 -10.21 -18.33
C9P COA D . 12.31 -10.69 -16.70
O9P COA D . 11.92 -10.94 -15.61
N8P COA D . 11.35 -10.47 -17.77
C7P COA D . 9.89 -10.59 -17.49
C6P COA D . 9.12 -9.82 -18.53
C5P COA D . 7.91 -10.67 -19.02
O5P COA D . 7.14 -11.09 -18.25
N4P COA D . 7.73 -10.93 -20.45
C3P COA D . 6.58 -11.75 -20.92
C2P COA D . 5.36 -10.90 -21.10
S1P COA D . 4.04 -11.91 -21.78
#